data_7B5G
#
_entry.id   7B5G
#
_cell.length_a   49.067
_cell.length_b   57.081
_cell.length_c   122.506
_cell.angle_alpha   84.530
_cell.angle_beta   83.210
_cell.angle_gamma   68.430
#
_symmetry.space_group_name_H-M   'P 1'
#
loop_
_entity.id
_entity.type
_entity.pdbx_description
1 polymer 'LexA repressor'
2 polymer 'Nanobody Nb14527, NbSOS3'
3 non-polymer 1,2-ETHANEDIOL
4 water water
#
loop_
_entity_poly.entity_id
_entity_poly.type
_entity_poly.pdbx_seq_one_letter_code
_entity_poly.pdbx_strand_id
1 'polypeptide(L)'
;MKALTARQQEVFDLIRDHISQTGMPPTRAEIAQRLGFRSPNAAEEHLKALARKGVIEIVSGASRGIRLLQEEEEGLPLVG
RVAAGEPLLAQQHIEGHYQVDPSLFKPNADFLLRVSGMSMKDIGIMDGDLLAVHKTQDVRNGQVVVARIDDEVTVKRLKK
QGNKVELLPENSEFKPIVVDLRQQSFTIEGLAVGVIRNGDWL
;
A,C,E,G
2 'polypeptide(L)'
;QVQLVESGGGVVQAGGSLRLSCAASGSIFSSNAMAWYRQAPGNVRRLVAAISSRGDNTNYEDSVRGRFTISRDNAENTVS
LQMNSLKPEDTAIYYCNVGSFYRGNYYGGSSWGQGTQVTVSSHHHHHHEPEA
;
B,D,F,H
#
loop_
_chem_comp.id
_chem_comp.type
_chem_comp.name
_chem_comp.formula
EDO non-polymer 1,2-ETHANEDIOL 'C2 H6 O2'
#
# COMPACT_ATOMS: atom_id res chain seq x y z
N GLU A 71 27.55 8.17 2.36
CA GLU A 71 26.33 7.95 3.21
C GLU A 71 26.77 7.34 4.54
N GLU A 72 27.92 6.65 4.51
CA GLU A 72 28.44 5.90 5.65
C GLU A 72 28.85 6.82 6.80
N GLU A 73 28.98 8.12 6.50
CA GLU A 73 29.46 9.08 7.49
C GLU A 73 28.38 10.10 7.83
N GLU A 74 27.13 9.82 7.40
CA GLU A 74 25.98 10.68 7.63
C GLU A 74 25.34 10.40 8.99
N GLY A 75 25.86 9.41 9.72
CA GLY A 75 25.33 8.99 11.02
C GLY A 75 24.14 8.04 10.87
N LEU A 76 23.43 7.80 11.97
CA LEU A 76 22.41 6.78 12.01
C LEU A 76 21.26 7.10 11.05
N PRO A 77 20.80 6.14 10.20
CA PRO A 77 19.58 6.32 9.41
C PRO A 77 18.33 6.29 10.29
N LEU A 78 17.31 7.07 9.90
CA LEU A 78 16.06 7.12 10.61
C LEU A 78 14.99 6.41 9.77
N VAL A 79 14.64 5.21 10.19
CA VAL A 79 13.67 4.43 9.47
C VAL A 79 12.26 4.84 9.91
N GLY A 80 11.57 5.52 8.98
CA GLY A 80 10.25 6.06 9.25
C GLY A 80 9.18 5.00 9.03
N ARG A 81 8.19 5.35 8.20
CA ARG A 81 7.06 4.50 7.87
C ARG A 81 7.55 3.34 7.01
N VAL A 82 6.93 2.17 7.18
CA VAL A 82 7.51 0.95 6.67
C VAL A 82 6.46 0.17 5.84
N ALA A 83 6.68 0.11 4.52
CA ALA A 83 5.79 -0.57 3.58
C ALA A 83 5.69 -2.05 3.94
N ALA A 84 4.47 -2.57 3.97
CA ALA A 84 4.23 -3.97 4.39
C ALA A 84 5.07 -4.97 3.60
N GLY A 85 5.76 -5.85 4.32
CA GLY A 85 6.57 -6.89 3.68
C GLY A 85 7.90 -6.42 3.18
N GLU A 86 8.22 -5.15 3.38
CA GLU A 86 9.43 -4.59 2.76
C GLU A 86 10.60 -4.59 3.74
N PRO A 87 11.84 -4.71 3.25
CA PRO A 87 13.01 -4.63 4.11
C PRO A 87 13.02 -3.35 4.97
N LEU A 88 13.44 -3.46 6.22
CA LEU A 88 13.44 -2.32 7.16
C LEU A 88 14.34 -1.22 6.63
N LEU A 89 15.54 -1.57 6.17
CA LEU A 89 16.43 -0.49 5.78
C LEU A 89 16.43 -0.23 4.28
N ALA A 90 15.41 -0.71 3.56
CA ALA A 90 15.19 -0.32 2.17
C ALA A 90 15.35 1.20 2.02
N GLN A 91 15.96 1.63 0.90
CA GLN A 91 16.28 3.02 0.66
C GLN A 91 15.10 3.95 0.90
N GLN A 92 13.93 3.58 0.36
CA GLN A 92 12.73 4.41 0.35
C GLN A 92 12.17 4.64 1.76
N HIS A 93 12.77 4.00 2.78
CA HIS A 93 12.24 4.05 4.14
C HIS A 93 13.05 5.04 4.98
N ILE A 94 14.32 5.23 4.62
CA ILE A 94 15.27 6.10 5.31
C ILE A 94 14.86 7.54 5.08
N GLU A 95 14.22 8.16 6.07
CA GLU A 95 13.71 9.49 5.83
C GLU A 95 14.71 10.55 6.30
N GLY A 96 15.66 10.15 7.15
CA GLY A 96 16.61 11.11 7.70
C GLY A 96 17.94 10.46 8.06
N HIS A 97 18.78 11.23 8.76
CA HIS A 97 20.04 10.74 9.29
C HIS A 97 20.38 11.63 10.48
N TYR A 98 20.91 11.04 11.55
CA TYR A 98 21.36 11.86 12.65
C TYR A 98 22.75 11.44 13.09
N GLN A 99 23.61 12.44 13.31
CA GLN A 99 24.94 12.19 13.85
C GLN A 99 24.78 11.86 15.33
N VAL A 100 24.94 10.58 15.70
CA VAL A 100 24.83 10.18 17.09
C VAL A 100 26.07 9.37 17.47
N ASP A 101 26.67 9.72 18.60
CA ASP A 101 27.88 9.09 19.10
C ASP A 101 27.71 7.58 19.15
N PRO A 102 28.69 6.77 18.66
CA PRO A 102 28.54 5.32 18.66
C PRO A 102 28.72 4.70 20.05
N SER A 103 29.32 5.45 20.97
CA SER A 103 29.57 4.98 22.34
C SER A 103 28.31 5.12 23.20
N LEU A 104 27.27 5.76 22.65
CA LEU A 104 26.05 6.11 23.36
C LEU A 104 25.26 4.87 23.78
N PHE A 105 25.14 3.88 22.89
CA PHE A 105 24.37 2.68 23.15
C PHE A 105 25.23 1.42 23.21
N LYS A 106 24.81 0.48 24.07
CA LYS A 106 25.50 -0.80 24.20
C LYS A 106 24.50 -1.96 24.03
N PRO A 107 24.72 -2.86 23.04
CA PRO A 107 25.68 -2.64 21.96
C PRO A 107 25.25 -1.63 20.89
N ASN A 108 26.21 -1.23 20.06
CA ASN A 108 26.09 -0.11 19.14
C ASN A 108 24.74 -0.11 18.41
N ALA A 109 24.13 1.07 18.29
CA ALA A 109 23.00 1.30 17.41
C ALA A 109 23.45 1.23 15.94
N ASP A 110 22.62 0.60 15.09
CA ASP A 110 22.87 0.62 13.65
C ASP A 110 21.86 1.50 12.92
N PHE A 111 20.74 1.81 13.58
CA PHE A 111 19.68 2.60 12.96
C PHE A 111 18.63 2.99 13.99
N LEU A 112 17.74 3.91 13.61
CA LEU A 112 16.72 4.43 14.53
C LEU A 112 15.34 4.14 13.97
N LEU A 113 14.47 3.56 14.80
CA LEU A 113 13.19 3.16 14.25
C LEU A 113 12.08 3.93 14.97
N ARG A 114 11.28 4.66 14.19
CA ARG A 114 10.22 5.45 14.77
C ARG A 114 9.15 4.52 15.32
N VAL A 115 8.83 4.67 16.60
CA VAL A 115 7.84 3.78 17.19
C VAL A 115 6.43 4.30 16.95
N SER A 116 5.51 3.35 16.79
CA SER A 116 4.09 3.67 16.61
C SER A 116 3.31 3.04 17.77
N GLY A 117 2.25 3.74 18.20
CA GLY A 117 1.35 3.23 19.22
C GLY A 117 1.95 3.35 20.61
N MET A 118 1.17 2.96 21.63
CA MET A 118 1.55 3.12 23.02
C MET A 118 1.66 1.76 23.70
N SER A 119 2.00 0.72 22.94
CA SER A 119 2.07 -0.62 23.49
C SER A 119 3.24 -0.77 24.46
N MET A 120 4.16 0.20 24.46
CA MET A 120 5.34 0.09 25.31
C MET A 120 5.48 1.27 26.28
N LYS A 121 4.39 1.96 26.61
CA LYS A 121 4.46 3.21 27.34
C LYS A 121 4.96 3.03 28.76
N ASP A 122 4.87 1.81 29.32
CA ASP A 122 5.12 1.62 30.73
C ASP A 122 6.62 1.53 31.02
N ILE A 123 7.43 1.29 29.99
CA ILE A 123 8.89 1.40 30.12
C ILE A 123 9.36 2.73 29.51
N GLY A 124 8.41 3.51 29.01
CA GLY A 124 8.67 4.87 28.58
C GLY A 124 9.01 4.99 27.11
N ILE A 125 8.73 3.93 26.34
CA ILE A 125 8.88 3.94 24.89
C ILE A 125 7.53 4.32 24.28
N MET A 126 7.36 5.65 24.03
CA MET A 126 6.13 6.32 23.64
C MET A 126 6.02 6.42 22.12
N ASP A 127 4.79 6.42 21.63
CA ASP A 127 4.52 6.69 20.23
C ASP A 127 5.38 7.87 19.81
N GLY A 128 6.06 7.74 18.67
CA GLY A 128 6.83 8.85 18.11
C GLY A 128 8.33 8.78 18.41
N ASP A 129 8.71 8.08 19.49
CA ASP A 129 10.08 7.98 19.96
C ASP A 129 10.94 7.28 18.91
N LEU A 130 12.22 7.66 18.83
CA LEU A 130 13.14 6.99 17.92
C LEU A 130 13.86 5.90 18.69
N LEU A 131 13.75 4.66 18.19
CA LEU A 131 14.29 3.49 18.87
C LEU A 131 15.65 3.13 18.25
N ALA A 132 16.72 3.24 19.04
CA ALA A 132 18.04 2.76 18.66
C ALA A 132 17.98 1.24 18.61
N VAL A 133 18.35 0.66 17.46
CA VAL A 133 18.29 -0.76 17.23
C VAL A 133 19.68 -1.23 16.79
N HIS A 134 20.16 -2.26 17.48
CA HIS A 134 21.35 -3.00 17.11
C HIS A 134 20.95 -4.14 16.19
N LYS A 135 21.44 -4.12 14.93
CA LYS A 135 21.26 -5.18 13.96
C LYS A 135 21.92 -6.50 14.41
N THR A 136 21.08 -7.49 14.74
CA THR A 136 21.48 -8.80 15.21
C THR A 136 20.26 -9.71 15.10
N GLN A 137 20.48 -11.03 15.01
CA GLN A 137 19.36 -11.94 15.18
C GLN A 137 19.54 -12.74 16.47
N ASP A 138 20.44 -12.27 17.35
CA ASP A 138 20.79 -13.01 18.55
C ASP A 138 20.27 -12.24 19.77
N VAL A 139 19.09 -12.65 20.25
CA VAL A 139 18.41 -11.97 21.35
C VAL A 139 18.02 -12.99 22.42
N ARG A 140 17.82 -12.52 23.66
CA ARG A 140 17.39 -13.46 24.69
C ARG A 140 15.95 -13.16 25.08
N ASN A 141 15.31 -14.16 25.71
CA ASN A 141 14.07 -13.91 26.43
C ASN A 141 14.28 -12.74 27.38
N GLY A 142 13.29 -11.85 27.40
CA GLY A 142 13.30 -10.73 28.34
C GLY A 142 13.73 -9.43 27.68
N GLN A 143 14.25 -9.52 26.44
CA GLN A 143 14.76 -8.36 25.74
C GLN A 143 13.69 -7.78 24.83
N VAL A 144 13.75 -6.47 24.65
CA VAL A 144 12.90 -5.79 23.68
C VAL A 144 13.50 -6.06 22.30
N VAL A 145 12.78 -6.83 21.50
CA VAL A 145 13.24 -7.20 20.17
C VAL A 145 12.48 -6.35 19.15
N VAL A 146 13.01 -6.32 17.93
CA VAL A 146 12.25 -5.81 16.80
C VAL A 146 11.97 -7.02 15.93
N ALA A 147 10.69 -7.42 15.79
CA ALA A 147 10.41 -8.71 15.19
C ALA A 147 9.49 -8.57 13.99
N ARG A 148 9.72 -9.40 12.98
CA ARG A 148 8.93 -9.43 11.75
C ARG A 148 8.04 -10.65 11.83
N ILE A 149 6.73 -10.47 11.68
CA ILE A 149 5.73 -11.54 11.68
C ILE A 149 4.90 -11.40 10.42
N ASP A 150 5.08 -12.35 9.48
CA ASP A 150 4.44 -12.27 8.19
C ASP A 150 4.78 -10.90 7.59
N ASP A 151 3.75 -10.08 7.34
CA ASP A 151 3.93 -8.80 6.65
C ASP A 151 4.29 -7.64 7.57
N GLU A 152 4.35 -7.86 8.91
CA GLU A 152 4.44 -6.76 9.86
C GLU A 152 5.74 -6.80 10.67
N VAL A 153 6.10 -5.64 11.23
CA VAL A 153 7.21 -5.48 12.15
C VAL A 153 6.72 -4.88 13.46
N THR A 154 7.16 -5.44 14.58
CA THR A 154 6.69 -4.88 15.84
C THR A 154 7.88 -4.77 16.79
N VAL A 155 7.68 -4.08 17.92
CA VAL A 155 8.68 -3.94 18.95
C VAL A 155 8.07 -4.43 20.26
N LYS A 156 8.55 -5.56 20.79
CA LYS A 156 8.03 -6.07 22.06
C LYS A 156 9.14 -6.75 22.89
N ARG A 157 8.81 -7.08 24.15
CA ARG A 157 9.62 -7.96 24.99
C ARG A 157 9.37 -9.41 24.56
N LEU A 158 10.47 -10.16 24.31
CA LEU A 158 10.38 -11.53 23.80
C LEU A 158 10.23 -12.57 24.92
N LYS A 159 9.19 -13.40 24.82
CA LYS A 159 9.10 -14.63 25.60
C LYS A 159 8.94 -15.83 24.66
N LYS A 160 10.06 -16.52 24.38
CA LYS A 160 10.09 -17.71 23.53
C LYS A 160 9.78 -18.94 24.40
N GLN A 161 9.02 -19.89 23.83
CA GLN A 161 8.46 -20.99 24.60
C GLN A 161 8.14 -22.18 23.67
N GLY A 162 9.16 -22.99 23.38
CA GLY A 162 9.02 -24.11 22.46
C GLY A 162 8.82 -23.65 21.02
N ASN A 163 7.68 -24.05 20.43
CA ASN A 163 7.30 -23.74 19.06
C ASN A 163 6.30 -22.58 19.08
N LYS A 164 6.16 -21.97 20.28
CA LYS A 164 5.28 -20.85 20.53
C LYS A 164 6.08 -19.70 21.15
N VAL A 165 5.98 -18.54 20.49
CA VAL A 165 6.73 -17.36 20.88
C VAL A 165 5.71 -16.30 21.28
N GLU A 166 5.91 -15.72 22.47
CA GLU A 166 5.06 -14.65 22.95
C GLU A 166 5.83 -13.33 22.85
N LEU A 167 5.08 -12.27 22.54
CA LEU A 167 5.65 -10.95 22.37
C LEU A 167 4.88 -10.02 23.29
N LEU A 168 5.54 -9.51 24.34
CA LEU A 168 4.85 -8.91 25.48
C LEU A 168 4.87 -7.39 25.39
N PRO A 169 3.69 -6.72 25.56
CA PRO A 169 3.61 -5.25 25.60
C PRO A 169 4.02 -4.70 26.96
N GLU A 170 4.11 -3.38 27.05
CA GLU A 170 4.45 -2.74 28.31
C GLU A 170 3.36 -1.70 28.54
N ASN A 171 2.15 -2.22 28.74
CA ASN A 171 0.92 -1.47 28.73
C ASN A 171 -0.05 -2.58 29.11
N SER A 172 -0.93 -2.30 30.09
CA SER A 172 -1.95 -3.27 30.52
C SER A 172 -3.16 -3.24 29.58
N GLU A 173 -3.33 -2.16 28.80
CA GLU A 173 -4.41 -2.10 27.83
C GLU A 173 -4.11 -2.95 26.59
N PHE A 174 -2.90 -3.52 26.50
CA PHE A 174 -2.49 -4.32 25.35
C PHE A 174 -2.33 -5.78 25.75
N LYS A 175 -2.51 -6.67 24.76
CA LYS A 175 -2.50 -8.11 24.98
C LYS A 175 -1.23 -8.71 24.36
N PRO A 176 -0.67 -9.79 24.97
CA PRO A 176 0.50 -10.44 24.39
C PRO A 176 0.09 -10.93 23.00
N ILE A 177 0.97 -10.75 22.00
CA ILE A 177 0.80 -11.40 20.71
C ILE A 177 1.37 -12.80 20.83
N VAL A 178 0.61 -13.81 20.39
CA VAL A 178 1.09 -15.18 20.51
C VAL A 178 1.30 -15.72 19.10
N VAL A 179 2.53 -16.17 18.82
CA VAL A 179 2.89 -16.52 17.45
C VAL A 179 3.19 -18.02 17.39
N ASP A 180 2.55 -18.69 16.41
CA ASP A 180 2.77 -20.11 16.19
C ASP A 180 3.80 -20.24 15.08
N LEU A 181 4.95 -20.86 15.39
CA LEU A 181 6.08 -20.84 14.47
C LEU A 181 5.86 -21.77 13.29
N ARG A 182 4.86 -22.66 13.39
CA ARG A 182 4.49 -23.59 12.33
C ARG A 182 3.60 -22.85 11.33
N GLN A 183 2.89 -21.84 11.83
CA GLN A 183 1.82 -21.17 11.10
C GLN A 183 2.23 -19.84 10.47
N GLN A 184 3.31 -19.21 10.97
CA GLN A 184 3.70 -17.88 10.52
C GLN A 184 5.22 -17.76 10.42
N SER A 185 5.70 -16.90 9.51
CA SER A 185 7.10 -16.53 9.44
C SER A 185 7.41 -15.57 10.58
N PHE A 186 8.35 -15.96 11.45
CA PHE A 186 8.80 -15.10 12.54
C PHE A 186 10.32 -15.01 12.49
N THR A 187 10.86 -13.78 12.43
CA THR A 187 12.30 -13.60 12.44
C THR A 187 12.63 -12.39 13.32
N ILE A 188 13.86 -12.33 13.83
CA ILE A 188 14.29 -11.23 14.69
C ILE A 188 15.01 -10.19 13.84
N GLU A 189 14.56 -8.94 13.90
CA GLU A 189 15.15 -7.88 13.08
C GLU A 189 16.32 -7.24 13.83
N GLY A 190 16.17 -7.02 15.13
CA GLY A 190 17.32 -6.64 15.92
C GLY A 190 16.95 -6.45 17.38
N LEU A 191 17.83 -5.79 18.14
CA LEU A 191 17.66 -5.63 19.57
C LEU A 191 17.60 -4.15 19.93
N ALA A 192 16.57 -3.77 20.69
CA ALA A 192 16.41 -2.39 21.10
C ALA A 192 17.43 -2.07 22.19
N VAL A 193 18.26 -1.04 21.96
CA VAL A 193 19.35 -0.74 22.86
C VAL A 193 19.18 0.66 23.47
N GLY A 194 18.19 1.43 22.98
CA GLY A 194 18.04 2.78 23.51
C GLY A 194 16.89 3.53 22.85
N VAL A 195 16.55 4.70 23.41
N VAL A 195 16.55 4.70 23.41
CA VAL A 195 15.46 5.51 22.92
CA VAL A 195 15.45 5.52 22.91
C VAL A 195 15.95 6.97 22.83
C VAL A 195 15.93 6.97 22.84
N ILE A 196 15.54 7.66 21.75
CA ILE A 196 15.77 9.08 21.58
C ILE A 196 14.41 9.73 21.32
N ARG A 197 14.03 10.67 22.20
CA ARG A 197 12.80 11.41 21.98
C ARG A 197 13.17 12.84 21.63
N ASN A 198 12.54 13.36 20.58
CA ASN A 198 12.83 14.71 20.14
C ASN A 198 11.59 15.35 19.55
N GLY A 199 10.45 15.20 20.26
CA GLY A 199 9.27 16.00 19.95
C GLY A 199 9.60 17.49 19.97
N ASP A 200 8.70 18.31 19.41
CA ASP A 200 8.80 19.76 19.55
C ASP A 200 8.08 20.17 20.83
N TRP A 201 7.18 19.31 21.33
CA TRP A 201 6.66 19.51 22.66
C TRP A 201 6.79 18.23 23.47
N LEU A 202 7.36 18.35 24.69
CA LEU A 202 7.72 17.22 25.52
C LEU A 202 6.58 16.84 26.47
N GLN B 1 3.98 -9.76 -5.84
CA GLN B 1 3.84 -10.89 -6.81
C GLN B 1 5.21 -11.50 -7.12
N VAL B 2 6.17 -11.32 -6.20
CA VAL B 2 7.41 -12.06 -6.24
C VAL B 2 7.10 -13.51 -5.88
N GLN B 3 7.68 -14.46 -6.63
CA GLN B 3 7.44 -15.85 -6.32
C GLN B 3 8.78 -16.58 -6.24
N LEU B 4 8.98 -17.26 -5.11
CA LEU B 4 10.21 -17.95 -4.77
C LEU B 4 9.95 -19.45 -4.65
N VAL B 5 10.88 -20.26 -5.16
CA VAL B 5 10.79 -21.71 -5.16
C VAL B 5 12.16 -22.29 -4.80
N GLU B 6 12.26 -22.92 -3.62
CA GLU B 6 13.46 -23.60 -3.21
C GLU B 6 13.38 -25.06 -3.66
N SER B 7 14.54 -25.62 -4.00
CA SER B 7 14.67 -27.04 -4.29
C SER B 7 16.04 -27.54 -3.81
N GLY B 8 16.30 -28.82 -4.02
CA GLY B 8 17.62 -29.43 -3.82
C GLY B 8 17.76 -30.12 -2.47
N GLY B 9 16.75 -29.97 -1.60
CA GLY B 9 16.75 -30.62 -0.31
C GLY B 9 16.67 -32.15 -0.43
N GLY B 10 17.10 -32.85 0.64
CA GLY B 10 17.04 -34.30 0.75
C GLY B 10 17.65 -34.80 2.06
N VAL B 11 17.95 -36.11 2.12
CA VAL B 11 18.58 -36.69 3.30
C VAL B 11 20.06 -36.88 3.00
N VAL B 12 20.93 -36.47 3.93
CA VAL B 12 22.37 -36.47 3.70
C VAL B 12 23.07 -37.01 4.96
N GLN B 13 24.21 -37.69 4.77
CA GLN B 13 24.99 -38.14 5.90
C GLN B 13 25.84 -36.99 6.44
N ALA B 14 26.06 -37.01 7.76
CA ALA B 14 26.97 -36.10 8.41
C ALA B 14 28.29 -36.04 7.65
N GLY B 15 28.85 -34.83 7.49
CA GLY B 15 30.12 -34.62 6.82
C GLY B 15 30.01 -34.55 5.29
N GLY B 16 28.81 -34.77 4.77
CA GLY B 16 28.55 -34.72 3.34
C GLY B 16 28.18 -33.33 2.81
N SER B 17 27.78 -33.29 1.54
CA SER B 17 27.50 -32.07 0.78
C SER B 17 26.09 -32.09 0.22
N LEU B 18 25.61 -30.91 -0.17
CA LEU B 18 24.26 -30.73 -0.66
C LEU B 18 24.11 -29.31 -1.17
N ARG B 19 23.33 -29.13 -2.24
CA ARG B 19 23.23 -27.84 -2.90
C ARG B 19 21.76 -27.46 -3.06
N LEU B 20 21.37 -26.36 -2.45
CA LEU B 20 20.00 -25.85 -2.54
C LEU B 20 19.96 -24.77 -3.61
N SER B 21 18.82 -24.67 -4.28
CA SER B 21 18.64 -23.64 -5.30
C SER B 21 17.28 -22.97 -5.12
N CYS B 22 17.21 -21.68 -5.50
CA CYS B 22 15.98 -20.92 -5.40
C CYS B 22 15.76 -20.18 -6.72
N ALA B 23 14.56 -20.34 -7.27
CA ALA B 23 14.16 -19.62 -8.47
C ALA B 23 13.26 -18.45 -8.07
N ALA B 24 13.63 -17.23 -8.48
CA ALA B 24 12.84 -16.04 -8.19
C ALA B 24 12.21 -15.52 -9.48
N SER B 25 10.91 -15.17 -9.42
CA SER B 25 10.17 -15.02 -10.66
C SER B 25 9.55 -13.63 -10.86
N GLY B 26 8.86 -13.09 -9.85
CA GLY B 26 8.04 -11.91 -10.11
C GLY B 26 8.70 -10.57 -9.73
N SER B 27 10.04 -10.51 -9.88
CA SER B 27 10.86 -9.44 -9.31
C SER B 27 11.82 -8.89 -10.36
N ILE B 28 12.42 -7.71 -10.08
CA ILE B 28 13.64 -7.32 -10.76
C ILE B 28 14.81 -7.78 -9.90
N PHE B 29 15.33 -8.95 -10.25
CA PHE B 29 16.21 -9.77 -9.44
C PHE B 29 17.55 -9.07 -9.16
N SER B 30 18.06 -8.34 -10.16
CA SER B 30 19.37 -7.70 -10.07
C SER B 30 19.36 -6.62 -9.00
N SER B 31 18.16 -6.21 -8.58
CA SER B 31 18.00 -5.08 -7.68
C SER B 31 17.84 -5.53 -6.23
N ASN B 32 17.91 -6.83 -5.96
CA ASN B 32 17.58 -7.31 -4.61
C ASN B 32 18.65 -8.22 -4.05
N ALA B 33 18.94 -7.99 -2.77
CA ALA B 33 19.66 -8.96 -1.98
C ALA B 33 18.80 -10.23 -1.80
N MET B 34 19.44 -11.38 -1.80
CA MET B 34 18.71 -12.61 -1.61
C MET B 34 19.31 -13.31 -0.39
N ALA B 35 18.48 -14.12 0.28
CA ALA B 35 19.03 -14.77 1.45
C ALA B 35 18.40 -16.15 1.56
N TRP B 36 19.08 -16.99 2.36
CA TRP B 36 18.62 -18.29 2.82
C TRP B 36 18.40 -18.23 4.34
N TYR B 37 17.21 -18.63 4.80
CA TYR B 37 16.92 -18.83 6.21
C TYR B 37 16.75 -20.31 6.46
N ARG B 38 16.82 -20.71 7.73
CA ARG B 38 16.44 -22.07 8.10
C ARG B 38 15.65 -22.05 9.41
N GLN B 39 14.76 -23.05 9.55
CA GLN B 39 13.94 -23.18 10.72
C GLN B 39 14.00 -24.64 11.17
N ALA B 40 14.64 -24.87 12.32
CA ALA B 40 14.71 -26.24 12.84
C ALA B 40 13.47 -26.50 13.70
N PRO B 41 13.07 -27.78 13.93
CA PRO B 41 11.91 -28.10 14.76
C PRO B 41 11.91 -27.35 16.10
N GLY B 42 10.81 -26.63 16.36
CA GLY B 42 10.58 -25.94 17.61
C GLY B 42 11.55 -24.78 17.86
N ASN B 43 12.11 -24.19 16.80
CA ASN B 43 13.05 -23.10 16.97
C ASN B 43 12.72 -21.92 16.08
N VAL B 44 13.13 -20.72 16.53
CA VAL B 44 13.04 -19.50 15.75
C VAL B 44 13.89 -19.66 14.49
N ARG B 45 13.28 -19.31 13.35
CA ARG B 45 13.88 -19.26 12.03
C ARG B 45 15.01 -18.24 12.00
N ARG B 46 16.19 -18.65 11.51
CA ARG B 46 17.35 -17.76 11.51
C ARG B 46 17.90 -17.64 10.09
N LEU B 47 18.51 -16.50 9.80
CA LEU B 47 19.19 -16.33 8.54
C LEU B 47 20.46 -17.17 8.53
N VAL B 48 20.64 -18.00 7.50
CA VAL B 48 21.84 -18.79 7.26
C VAL B 48 22.89 -17.97 6.51
N ALA B 49 22.48 -17.45 5.34
CA ALA B 49 23.41 -16.69 4.52
C ALA B 49 22.64 -15.67 3.69
N ALA B 50 23.30 -14.57 3.33
CA ALA B 50 22.73 -13.59 2.41
C ALA B 50 23.80 -13.10 1.42
N ILE B 51 23.31 -12.60 0.27
CA ILE B 51 24.16 -11.99 -0.74
C ILE B 51 23.52 -10.70 -1.25
N SER B 52 24.33 -9.63 -1.37
CA SER B 52 23.87 -8.39 -2.00
C SER B 52 23.50 -8.61 -3.46
N SER B 53 22.91 -7.55 -4.06
CA SER B 53 22.16 -7.62 -5.31
C SER B 53 23.05 -8.03 -6.48
N ARG B 54 24.32 -7.61 -6.43
CA ARG B 54 25.28 -7.95 -7.48
C ARG B 54 26.36 -8.86 -6.91
N GLY B 55 26.24 -9.21 -5.62
CA GLY B 55 27.08 -10.22 -4.98
C GLY B 55 28.38 -9.67 -4.41
N ASP B 56 28.44 -8.36 -4.15
CA ASP B 56 29.67 -7.74 -3.72
C ASP B 56 29.91 -8.10 -2.25
N ASN B 57 28.82 -8.31 -1.51
CA ASN B 57 28.85 -8.57 -0.07
C ASN B 57 27.93 -9.74 0.29
N THR B 58 28.25 -10.39 1.41
CA THR B 58 27.52 -11.55 1.89
C THR B 58 27.41 -11.48 3.42
N ASN B 59 26.45 -12.23 3.99
CA ASN B 59 26.48 -12.47 5.41
C ASN B 59 26.35 -13.97 5.62
N TYR B 60 26.85 -14.39 6.79
CA TYR B 60 26.85 -15.77 7.19
C TYR B 60 26.58 -15.80 8.68
N GLU B 61 25.67 -16.70 9.08
CA GLU B 61 25.52 -17.13 10.46
C GLU B 61 26.86 -17.71 10.88
N ASP B 62 27.32 -17.42 12.11
CA ASP B 62 28.67 -17.77 12.54
C ASP B 62 28.92 -19.27 12.48
N SER B 63 27.87 -20.07 12.75
CA SER B 63 28.02 -21.50 12.92
C SER B 63 28.05 -22.24 11.59
N VAL B 64 27.70 -21.56 10.49
CA VAL B 64 27.80 -22.18 9.17
C VAL B 64 28.97 -21.56 8.41
N ARG B 65 29.56 -20.49 8.95
CA ARG B 65 30.67 -19.84 8.27
C ARG B 65 31.78 -20.86 8.01
N GLY B 66 32.43 -20.72 6.84
CA GLY B 66 33.45 -21.62 6.34
C GLY B 66 32.87 -22.94 5.83
N ARG B 67 31.59 -23.21 6.10
CA ARG B 67 31.02 -24.49 5.69
C ARG B 67 30.03 -24.31 4.56
N PHE B 68 29.25 -23.21 4.62
CA PHE B 68 28.24 -22.91 3.61
C PHE B 68 28.73 -21.74 2.77
N THR B 69 28.48 -21.79 1.47
CA THR B 69 28.62 -20.59 0.65
C THR B 69 27.35 -20.32 -0.14
N ILE B 70 27.06 -19.03 -0.29
CA ILE B 70 25.93 -18.58 -1.08
C ILE B 70 26.47 -17.95 -2.36
N SER B 71 25.78 -18.17 -3.46
CA SER B 71 26.01 -17.33 -4.62
C SER B 71 24.71 -17.18 -5.42
N ARG B 72 24.75 -16.30 -6.41
CA ARG B 72 23.56 -16.00 -7.19
C ARG B 72 23.99 -15.93 -8.64
N ASP B 73 23.04 -16.15 -9.54
CA ASP B 73 23.28 -15.99 -10.95
C ASP B 73 22.21 -15.04 -11.51
N ASN B 74 22.68 -13.85 -11.90
CA ASN B 74 21.81 -12.75 -12.28
C ASN B 74 21.15 -13.01 -13.62
N ALA B 75 21.84 -13.73 -14.53
CA ALA B 75 21.24 -14.08 -15.80
C ALA B 75 20.06 -15.03 -15.60
N GLU B 76 20.16 -15.93 -14.61
CA GLU B 76 19.21 -17.04 -14.53
C GLU B 76 18.17 -16.82 -13.42
N ASN B 77 18.27 -15.73 -12.64
CA ASN B 77 17.34 -15.42 -11.56
C ASN B 77 17.33 -16.52 -10.48
N THR B 78 18.51 -16.95 -10.05
CA THR B 78 18.61 -17.96 -9.01
C THR B 78 19.64 -17.56 -7.96
N VAL B 79 19.49 -18.14 -6.77
CA VAL B 79 20.41 -18.03 -5.66
C VAL B 79 20.58 -19.44 -5.09
N SER B 80 21.77 -19.77 -4.60
CA SER B 80 22.06 -21.16 -4.31
C SER B 80 22.80 -21.29 -2.97
N LEU B 81 22.54 -22.40 -2.27
CA LEU B 81 23.23 -22.66 -1.02
C LEU B 81 23.99 -23.97 -1.13
N GLN B 82 25.31 -23.84 -1.24
CA GLN B 82 26.29 -24.93 -1.25
C GLN B 82 26.65 -25.27 0.20
N MET B 83 26.18 -26.45 0.65
CA MET B 83 26.39 -26.84 2.04
C MET B 83 27.39 -27.99 2.13
N ASN B 84 28.52 -27.71 2.79
CA ASN B 84 29.60 -28.67 2.99
C ASN B 84 29.78 -28.91 4.50
N SER B 85 30.27 -30.11 4.87
CA SER B 85 30.50 -30.47 6.26
C SER B 85 29.19 -30.42 7.06
N LEU B 86 28.19 -31.12 6.55
CA LEU B 86 26.88 -31.01 7.19
C LEU B 86 26.95 -31.66 8.56
N LYS B 87 26.46 -30.94 9.56
CA LYS B 87 26.31 -31.49 10.90
C LYS B 87 24.82 -31.79 11.11
N PRO B 88 24.44 -32.59 12.14
CA PRO B 88 23.03 -32.78 12.49
C PRO B 88 22.26 -31.50 12.80
N GLU B 89 22.97 -30.49 13.34
CA GLU B 89 22.50 -29.14 13.65
C GLU B 89 21.90 -28.46 12.42
N ASP B 90 22.28 -28.94 11.23
CA ASP B 90 21.97 -28.31 9.96
C ASP B 90 20.56 -28.69 9.48
N THR B 91 19.97 -29.70 10.13
CA THR B 91 18.64 -30.24 9.79
C THR B 91 17.55 -29.18 10.00
N ALA B 92 16.83 -28.84 8.92
CA ALA B 92 15.86 -27.75 9.01
C ALA B 92 15.09 -27.64 7.70
N ILE B 93 14.00 -26.87 7.77
CA ILE B 93 13.43 -26.32 6.56
C ILE B 93 14.23 -25.08 6.17
N TYR B 94 14.70 -25.08 4.92
CA TYR B 94 15.45 -23.97 4.37
C TYR B 94 14.51 -23.13 3.53
N TYR B 95 14.52 -21.82 3.76
CA TYR B 95 13.68 -20.91 2.98
C TYR B 95 14.54 -19.91 2.23
N CYS B 96 14.06 -19.55 1.03
CA CYS B 96 14.57 -18.48 0.20
C CYS B 96 13.84 -17.20 0.59
N ASN B 97 14.57 -16.08 0.71
CA ASN B 97 14.03 -14.78 1.13
C ASN B 97 14.43 -13.66 0.16
N VAL B 98 13.55 -12.67 -0.03
CA VAL B 98 13.94 -11.47 -0.76
C VAL B 98 14.12 -10.30 0.21
N GLY B 99 15.22 -9.54 0.05
CA GLY B 99 15.52 -8.44 0.94
C GLY B 99 16.46 -7.43 0.31
N SER B 100 17.28 -6.79 1.16
CA SER B 100 18.10 -5.67 0.75
C SER B 100 19.29 -5.47 1.70
N PHE B 101 20.44 -5.06 1.15
CA PHE B 101 21.63 -4.82 1.98
C PHE B 101 21.76 -3.34 2.33
N TYR B 102 22.13 -3.06 3.58
CA TYR B 102 22.45 -1.71 4.01
C TYR B 102 23.64 -1.72 4.97
N ARG B 103 24.68 -0.96 4.60
CA ARG B 103 25.95 -0.91 5.31
C ARG B 103 26.47 -2.31 5.63
N GLY B 104 26.45 -3.18 4.62
CA GLY B 104 27.07 -4.49 4.73
C GLY B 104 26.19 -5.52 5.42
N ASN B 105 24.92 -5.21 5.69
CA ASN B 105 24.08 -6.14 6.43
C ASN B 105 22.76 -6.37 5.70
N TYR B 106 22.40 -7.63 5.53
CA TYR B 106 21.15 -8.00 4.90
C TYR B 106 20.02 -7.65 5.84
N TYR B 107 19.02 -6.95 5.31
CA TYR B 107 17.72 -6.77 5.95
C TYR B 107 16.71 -7.47 5.08
N GLY B 108 15.89 -8.33 5.68
CA GLY B 108 14.97 -9.11 4.89
C GLY B 108 13.54 -8.57 4.89
N GLY B 109 12.78 -8.99 3.86
CA GLY B 109 11.35 -8.74 3.80
C GLY B 109 10.54 -10.02 4.00
N SER B 110 9.24 -9.96 3.69
CA SER B 110 8.30 -10.99 4.10
C SER B 110 7.94 -11.93 2.98
N SER B 111 8.75 -12.03 1.90
CA SER B 111 8.51 -13.02 0.87
C SER B 111 9.41 -14.25 1.04
N TRP B 112 8.77 -15.43 1.07
CA TRP B 112 9.34 -16.72 1.36
C TRP B 112 8.91 -17.69 0.28
N GLY B 113 9.75 -18.71 0.06
CA GLY B 113 9.28 -19.85 -0.70
C GLY B 113 8.61 -20.83 0.26
N GLN B 114 8.22 -21.99 -0.27
CA GLN B 114 7.50 -23.00 0.50
C GLN B 114 8.46 -23.76 1.41
N GLY B 115 9.76 -23.70 1.09
CA GLY B 115 10.79 -24.30 1.92
C GLY B 115 11.25 -25.62 1.33
N THR B 116 12.47 -26.05 1.67
CA THR B 116 12.99 -27.36 1.29
C THR B 116 13.64 -28.05 2.50
N GLN B 117 13.30 -29.32 2.71
CA GLN B 117 13.74 -30.05 3.89
C GLN B 117 15.16 -30.60 3.69
N VAL B 118 16.05 -30.28 4.63
CA VAL B 118 17.37 -30.87 4.69
C VAL B 118 17.42 -31.74 5.95
N THR B 119 17.73 -33.05 5.80
CA THR B 119 17.89 -33.91 6.96
C THR B 119 19.27 -34.56 6.98
N VAL B 120 19.96 -34.41 8.11
CA VAL B 120 21.27 -35.01 8.27
C VAL B 120 21.18 -36.14 9.30
N SER B 121 21.58 -37.34 8.85
CA SER B 121 21.53 -38.59 9.62
C SER B 121 22.83 -39.36 9.40
N SER B 122 22.92 -40.55 10.03
CA SER B 122 23.99 -41.51 9.79
C SER B 122 23.38 -42.87 9.43
N HIS B 123 24.20 -43.94 9.43
CA HIS B 123 23.72 -45.29 9.15
C HIS B 123 24.10 -46.25 10.29
N GLU C 73 10.32 6.17 -30.96
CA GLU C 73 10.60 4.96 -31.77
C GLU C 73 10.05 3.73 -31.05
N GLU C 74 8.71 3.64 -30.94
CA GLU C 74 8.05 2.63 -30.12
C GLU C 74 6.57 2.46 -30.48
N GLY C 75 5.87 1.56 -29.76
CA GLY C 75 4.42 1.38 -29.78
C GLY C 75 3.78 1.50 -28.38
N LEU C 76 2.46 1.19 -28.27
CA LEU C 76 1.58 1.54 -27.16
C LEU C 76 2.07 0.99 -25.83
N PRO C 77 2.17 1.82 -24.76
CA PRO C 77 2.53 1.33 -23.43
C PRO C 77 1.39 0.58 -22.73
N LEU C 78 1.75 -0.46 -21.97
CA LEU C 78 0.79 -1.23 -21.20
C LEU C 78 0.98 -0.89 -19.73
N VAL C 79 -0.08 -0.31 -19.16
CA VAL C 79 -0.02 0.27 -17.82
C VAL C 79 -0.64 -0.73 -16.84
N GLY C 80 0.20 -1.24 -15.94
CA GLY C 80 -0.13 -2.39 -15.11
C GLY C 80 -0.79 -1.96 -13.79
N ARG C 81 -0.22 -2.46 -12.68
CA ARG C 81 -0.67 -2.18 -11.32
C ARG C 81 -0.37 -0.72 -11.00
N VAL C 82 -1.43 0.07 -10.78
CA VAL C 82 -1.32 1.52 -10.61
C VAL C 82 -1.20 1.86 -9.11
N ALA C 83 -0.01 2.32 -8.71
CA ALA C 83 0.29 2.64 -7.32
C ALA C 83 -0.61 3.79 -6.86
N ALA C 84 -1.33 3.60 -5.75
CA ALA C 84 -2.32 4.58 -5.31
C ALA C 84 -1.75 5.99 -5.44
N GLY C 85 -2.51 6.84 -6.15
CA GLY C 85 -2.26 8.25 -6.18
C GLY C 85 -1.22 8.63 -7.22
N GLU C 86 -0.60 7.65 -7.87
CA GLU C 86 0.45 7.98 -8.81
C GLU C 86 -0.13 8.34 -10.18
N PRO C 87 0.62 9.08 -11.02
CA PRO C 87 0.22 9.35 -12.39
C PRO C 87 0.13 8.05 -13.18
N LEU C 88 -0.94 7.87 -13.97
CA LEU C 88 -1.13 6.62 -14.69
C LEU C 88 0.14 6.23 -15.45
N LEU C 89 0.73 7.18 -16.17
CA LEU C 89 1.78 6.81 -17.10
C LEU C 89 3.15 7.00 -16.48
N ALA C 90 3.24 6.79 -15.16
CA ALA C 90 4.51 6.81 -14.45
C ALA C 90 5.38 5.64 -14.91
N GLN C 91 6.66 5.92 -15.16
CA GLN C 91 7.62 4.97 -15.71
C GLN C 91 7.42 3.56 -15.16
N GLN C 92 7.18 3.44 -13.86
CA GLN C 92 7.27 2.15 -13.18
C GLN C 92 5.99 1.34 -13.38
N HIS C 93 4.91 1.97 -13.87
CA HIS C 93 3.66 1.25 -14.11
C HIS C 93 3.66 0.63 -15.50
N ILE C 94 4.63 1.04 -16.33
CA ILE C 94 4.80 0.56 -17.69
C ILE C 94 5.56 -0.76 -17.64
N GLU C 95 4.90 -1.83 -18.07
CA GLU C 95 5.54 -3.14 -18.04
C GLU C 95 5.81 -3.63 -19.45
N GLY C 96 5.82 -2.71 -20.43
CA GLY C 96 6.18 -3.08 -21.78
C GLY C 96 5.38 -2.32 -22.83
N HIS C 97 5.61 -2.68 -24.10
CA HIS C 97 4.99 -1.97 -25.20
C HIS C 97 4.49 -2.98 -26.22
N TYR C 98 3.38 -2.65 -26.88
CA TYR C 98 2.93 -3.44 -28.01
C TYR C 98 2.78 -2.54 -29.24
N GLN C 99 3.15 -3.06 -30.41
CA GLN C 99 2.87 -2.29 -31.60
C GLN C 99 1.41 -2.52 -31.97
N VAL C 100 0.67 -1.43 -32.11
CA VAL C 100 -0.75 -1.47 -32.40
C VAL C 100 -1.02 -0.44 -33.49
N ASP C 101 -1.60 -0.90 -34.59
CA ASP C 101 -2.02 0.00 -35.65
C ASP C 101 -2.72 1.20 -35.02
N PRO C 102 -2.34 2.43 -35.41
CA PRO C 102 -2.98 3.64 -34.89
C PRO C 102 -4.45 3.73 -35.32
N SER C 103 -4.76 3.25 -36.52
CA SER C 103 -6.09 3.39 -37.09
C SER C 103 -7.07 2.37 -36.52
N LEU C 104 -6.57 1.46 -35.65
CA LEU C 104 -7.42 0.39 -35.14
C LEU C 104 -8.56 0.97 -34.30
N PHE C 105 -8.27 1.99 -33.50
CA PHE C 105 -9.23 2.58 -32.59
C PHE C 105 -9.44 4.06 -32.90
N LYS C 106 -10.70 4.51 -32.76
CA LYS C 106 -11.06 5.90 -32.99
C LYS C 106 -11.88 6.44 -31.82
N PRO C 107 -11.46 7.55 -31.19
CA PRO C 107 -10.20 8.21 -31.52
C PRO C 107 -8.97 7.42 -31.12
N ASN C 108 -7.81 7.93 -31.55
CA ASN C 108 -6.51 7.32 -31.38
C ASN C 108 -6.32 6.89 -29.91
N ALA C 109 -5.83 5.66 -29.70
CA ALA C 109 -5.43 5.16 -28.39
C ALA C 109 -4.03 5.66 -27.99
N ASP C 110 -3.85 6.02 -26.72
CA ASP C 110 -2.55 6.54 -26.31
C ASP C 110 -1.83 5.51 -25.44
N PHE C 111 -2.61 4.60 -24.83
CA PHE C 111 -2.05 3.52 -24.03
C PHE C 111 -3.09 2.42 -23.87
N LEU C 112 -2.63 1.30 -23.31
CA LEU C 112 -3.49 0.21 -22.87
C LEU C 112 -3.41 0.14 -21.36
N LEU C 113 -4.56 -0.06 -20.73
CA LEU C 113 -4.67 -0.12 -19.28
C LEU C 113 -5.33 -1.44 -18.92
N ARG C 114 -4.74 -2.16 -17.95
CA ARG C 114 -5.28 -3.45 -17.59
C ARG C 114 -6.44 -3.21 -16.65
N VAL C 115 -7.60 -3.73 -17.04
CA VAL C 115 -8.82 -3.54 -16.30
C VAL C 115 -8.81 -4.46 -15.08
N SER C 116 -9.27 -3.93 -13.94
CA SER C 116 -9.29 -4.71 -12.71
C SER C 116 -10.73 -4.97 -12.29
N GLY C 117 -11.09 -6.25 -12.16
CA GLY C 117 -12.39 -6.64 -11.68
C GLY C 117 -13.43 -6.72 -12.78
N MET C 118 -14.67 -7.04 -12.39
CA MET C 118 -15.69 -7.48 -13.33
C MET C 118 -16.84 -6.49 -13.33
N SER C 119 -16.53 -5.23 -13.05
CA SER C 119 -17.57 -4.21 -12.92
C SER C 119 -18.15 -3.84 -14.29
N MET C 120 -17.57 -4.36 -15.38
CA MET C 120 -18.11 -4.02 -16.69
C MET C 120 -18.29 -5.26 -17.57
N LYS C 121 -18.57 -6.41 -16.94
N LYS C 121 -18.53 -6.41 -16.94
CA LYS C 121 -18.60 -7.70 -17.60
CA LYS C 121 -18.59 -7.68 -17.65
C LYS C 121 -19.72 -7.76 -18.64
C LYS C 121 -19.68 -7.63 -18.72
N ASP C 122 -20.81 -7.01 -18.39
CA ASP C 122 -21.98 -7.07 -19.25
C ASP C 122 -21.74 -6.37 -20.59
N ILE C 123 -20.73 -5.51 -20.70
CA ILE C 123 -20.43 -5.00 -22.03
C ILE C 123 -19.21 -5.72 -22.60
N GLY C 124 -18.70 -6.69 -21.83
CA GLY C 124 -17.59 -7.52 -22.28
C GLY C 124 -16.21 -6.95 -21.94
N ILE C 125 -16.12 -6.06 -20.94
CA ILE C 125 -14.84 -5.61 -20.41
C ILE C 125 -14.56 -6.37 -19.12
N MET C 126 -13.67 -7.37 -19.22
CA MET C 126 -13.49 -8.42 -18.22
C MET C 126 -12.20 -8.19 -17.45
N ASP C 127 -12.11 -8.77 -16.25
CA ASP C 127 -10.89 -8.65 -15.49
C ASP C 127 -9.72 -9.11 -16.37
N GLY C 128 -8.65 -8.30 -16.42
CA GLY C 128 -7.44 -8.62 -17.16
C GLY C 128 -7.44 -8.14 -18.61
N ASP C 129 -8.55 -7.56 -19.08
CA ASP C 129 -8.61 -7.01 -20.43
C ASP C 129 -7.66 -5.83 -20.52
N LEU C 130 -7.10 -5.59 -21.70
CA LEU C 130 -6.36 -4.37 -21.95
C LEU C 130 -7.29 -3.35 -22.60
N LEU C 131 -7.53 -2.25 -21.88
CA LEU C 131 -8.44 -1.19 -22.31
C LEU C 131 -7.63 -0.13 -23.04
N ALA C 132 -8.05 0.16 -24.26
CA ALA C 132 -7.43 1.19 -25.08
C ALA C 132 -8.03 2.53 -24.67
N VAL C 133 -7.16 3.48 -24.29
CA VAL C 133 -7.54 4.76 -23.73
C VAL C 133 -7.01 5.88 -24.64
N HIS C 134 -7.91 6.82 -25.01
CA HIS C 134 -7.52 8.03 -25.70
C HIS C 134 -7.33 9.14 -24.67
N LYS C 135 -6.10 9.67 -24.60
CA LYS C 135 -5.75 10.75 -23.70
C LYS C 135 -6.61 11.98 -24.02
N THR C 136 -7.42 12.40 -23.04
CA THR C 136 -8.32 13.53 -23.22
C THR C 136 -9.01 13.85 -21.90
N GLN C 137 -9.51 15.08 -21.76
CA GLN C 137 -10.36 15.38 -20.62
C GLN C 137 -11.75 15.75 -21.14
N ASP C 138 -11.95 15.55 -22.45
CA ASP C 138 -13.20 15.90 -23.10
C ASP C 138 -13.99 14.62 -23.36
N VAL C 139 -14.95 14.36 -22.47
CA VAL C 139 -15.78 13.17 -22.48
C VAL C 139 -17.23 13.56 -22.15
N ARG C 140 -18.17 12.73 -22.59
CA ARG C 140 -19.58 13.07 -22.52
C ARG C 140 -20.33 11.95 -21.81
N ASN C 141 -21.43 12.34 -21.15
CA ASN C 141 -22.42 11.44 -20.60
C ASN C 141 -22.68 10.27 -21.54
N GLY C 142 -22.60 9.05 -20.99
CA GLY C 142 -22.83 7.83 -21.77
C GLY C 142 -21.52 7.19 -22.25
N GLN C 143 -20.40 7.91 -22.13
CA GLN C 143 -19.12 7.36 -22.56
C GLN C 143 -18.51 6.54 -21.42
N VAL C 144 -17.78 5.49 -21.80
CA VAL C 144 -16.95 4.79 -20.84
C VAL C 144 -15.68 5.61 -20.68
N VAL C 145 -15.52 6.15 -19.47
CA VAL C 145 -14.38 6.97 -19.12
C VAL C 145 -13.51 6.21 -18.14
N VAL C 146 -12.25 6.67 -18.10
CA VAL C 146 -11.28 6.38 -17.07
C VAL C 146 -11.16 7.66 -16.24
N ALA C 147 -11.40 7.57 -14.93
CA ALA C 147 -11.49 8.73 -14.06
C ALA C 147 -10.71 8.51 -12.77
N ARG C 148 -10.16 9.59 -12.21
CA ARG C 148 -9.48 9.54 -10.93
C ARG C 148 -10.41 10.18 -9.89
N ILE C 149 -10.71 9.43 -8.82
CA ILE C 149 -11.51 9.93 -7.70
C ILE C 149 -10.62 9.84 -6.47
N ASP C 150 -10.01 10.97 -6.08
CA ASP C 150 -9.05 10.98 -4.99
C ASP C 150 -7.83 10.12 -5.35
N ASP C 151 -7.60 9.08 -4.56
CA ASP C 151 -6.45 8.21 -4.73
C ASP C 151 -6.66 7.10 -5.77
N GLU C 152 -7.90 6.88 -6.22
CA GLU C 152 -8.27 5.71 -7.00
C GLU C 152 -8.49 6.04 -8.48
N VAL C 153 -8.33 5.01 -9.33
CA VAL C 153 -8.58 5.17 -10.74
C VAL C 153 -9.51 4.05 -11.20
N THR C 154 -10.65 4.43 -11.76
CA THR C 154 -11.69 3.48 -12.12
C THR C 154 -12.06 3.68 -13.58
N VAL C 155 -12.83 2.71 -14.11
CA VAL C 155 -13.31 2.67 -15.48
C VAL C 155 -14.81 2.43 -15.45
N LYS C 156 -15.62 3.42 -15.84
CA LYS C 156 -17.07 3.32 -15.70
C LYS C 156 -17.76 4.19 -16.76
N ARG C 157 -19.08 4.10 -16.81
CA ARG C 157 -19.88 4.91 -17.72
C ARG C 157 -20.28 6.21 -17.00
N LEU C 158 -20.06 7.34 -17.67
CA LEU C 158 -20.22 8.62 -17.02
C LEU C 158 -21.67 9.08 -17.11
N LYS C 159 -22.21 9.50 -15.96
CA LYS C 159 -23.47 10.23 -15.90
C LYS C 159 -23.26 11.42 -14.98
N LYS C 160 -23.18 12.61 -15.60
CA LYS C 160 -22.79 13.86 -14.97
C LYS C 160 -24.01 14.76 -14.82
N GLN C 161 -24.29 15.19 -13.58
CA GLN C 161 -25.44 16.05 -13.29
C GLN C 161 -25.07 17.16 -12.29
N GLY C 162 -24.57 18.29 -12.81
CA GLY C 162 -24.11 19.38 -11.98
C GLY C 162 -23.03 18.94 -10.99
N ASN C 163 -23.27 19.17 -9.70
CA ASN C 163 -22.27 18.87 -8.70
C ASN C 163 -22.29 17.39 -8.34
N LYS C 164 -23.16 16.62 -9.00
CA LYS C 164 -23.31 15.18 -8.79
C LYS C 164 -22.88 14.41 -10.03
N VAL C 165 -21.89 13.52 -9.86
CA VAL C 165 -21.40 12.71 -10.97
C VAL C 165 -21.53 11.25 -10.56
N GLU C 166 -22.18 10.45 -11.42
CA GLU C 166 -22.30 9.02 -11.18
C GLU C 166 -21.49 8.27 -12.22
N LEU C 167 -20.77 7.27 -11.72
CA LEU C 167 -19.99 6.35 -12.54
C LEU C 167 -20.71 5.01 -12.52
N LEU C 168 -21.40 4.70 -13.62
CA LEU C 168 -22.27 3.55 -13.69
C LEU C 168 -21.44 2.32 -14.07
N PRO C 169 -21.67 1.16 -13.40
CA PRO C 169 -21.08 -0.12 -13.82
C PRO C 169 -21.94 -0.76 -14.90
N GLU C 170 -21.42 -1.86 -15.45
CA GLU C 170 -22.13 -2.72 -16.36
C GLU C 170 -22.04 -4.12 -15.78
N ASN C 171 -22.78 -4.29 -14.68
CA ASN C 171 -22.81 -5.49 -13.87
C ASN C 171 -23.88 -5.16 -12.81
N SER C 172 -24.82 -6.09 -12.58
CA SER C 172 -25.90 -5.95 -11.61
C SER C 172 -25.38 -6.20 -10.19
N GLU C 173 -24.11 -6.60 -10.06
CA GLU C 173 -23.57 -6.90 -8.74
C GLU C 173 -22.80 -5.69 -8.21
N PHE C 174 -22.92 -4.54 -8.88
CA PHE C 174 -22.14 -3.38 -8.51
C PHE C 174 -23.04 -2.15 -8.34
N LYS C 175 -22.80 -1.42 -7.26
CA LYS C 175 -23.47 -0.15 -7.03
C LYS C 175 -22.83 0.93 -7.91
N PRO C 176 -23.63 1.88 -8.46
CA PRO C 176 -23.07 3.11 -9.04
C PRO C 176 -22.26 3.90 -8.00
N ILE C 177 -21.06 4.35 -8.40
CA ILE C 177 -20.26 5.19 -7.52
C ILE C 177 -20.74 6.63 -7.64
N VAL C 178 -21.11 7.22 -6.50
CA VAL C 178 -21.64 8.57 -6.47
C VAL C 178 -20.53 9.51 -6.00
N VAL C 179 -20.22 10.52 -6.81
CA VAL C 179 -19.12 11.42 -6.49
C VAL C 179 -19.71 12.80 -6.29
N ASP C 180 -19.41 13.41 -5.13
CA ASP C 180 -19.75 14.80 -4.92
C ASP C 180 -18.50 15.63 -5.17
N LEU C 181 -18.61 16.56 -6.14
CA LEU C 181 -17.45 17.28 -6.65
C LEU C 181 -16.98 18.32 -5.64
N ARG C 182 -17.83 18.66 -4.67
CA ARG C 182 -17.47 19.62 -3.64
C ARG C 182 -16.57 18.94 -2.61
N GLN C 183 -16.63 17.60 -2.56
CA GLN C 183 -16.10 16.81 -1.46
C GLN C 183 -14.92 15.92 -1.86
N GLN C 184 -14.70 15.70 -3.16
CA GLN C 184 -13.71 14.77 -3.68
C GLN C 184 -13.05 15.32 -4.94
N SER C 185 -11.76 15.02 -5.13
CA SER C 185 -11.07 15.33 -6.36
C SER C 185 -11.42 14.30 -7.43
N PHE C 186 -12.24 14.73 -8.41
CA PHE C 186 -12.64 13.91 -9.54
C PHE C 186 -12.15 14.56 -10.84
N THR C 187 -11.53 13.77 -11.71
CA THR C 187 -10.89 14.27 -12.92
C THR C 187 -10.93 13.18 -13.97
N ILE C 188 -10.84 13.56 -15.25
CA ILE C 188 -10.95 12.61 -16.34
C ILE C 188 -9.56 12.32 -16.89
N GLU C 189 -9.19 11.03 -16.90
CA GLU C 189 -7.88 10.57 -17.33
C GLU C 189 -7.88 10.28 -18.82
N GLY C 190 -9.02 9.81 -19.34
CA GLY C 190 -9.22 9.56 -20.76
C GLY C 190 -10.57 8.89 -21.07
N LEU C 191 -10.77 8.63 -22.38
CA LEU C 191 -11.94 7.97 -22.92
C LEU C 191 -11.54 6.58 -23.39
N ALA C 192 -12.34 5.57 -23.01
CA ALA C 192 -12.11 4.21 -23.46
C ALA C 192 -12.50 4.11 -24.92
N VAL C 193 -11.59 3.60 -25.76
CA VAL C 193 -11.84 3.50 -27.20
C VAL C 193 -11.78 2.06 -27.69
N GLY C 194 -11.32 1.12 -26.86
CA GLY C 194 -11.28 -0.26 -27.32
C GLY C 194 -10.91 -1.22 -26.20
N VAL C 195 -10.99 -2.51 -26.52
N VAL C 195 -11.06 -2.52 -26.47
CA VAL C 195 -10.51 -3.55 -25.63
CA VAL C 195 -10.44 -3.49 -25.59
C VAL C 195 -9.66 -4.51 -26.44
C VAL C 195 -9.64 -4.49 -26.45
N ILE C 196 -8.56 -5.00 -25.84
CA ILE C 196 -7.78 -6.12 -26.34
C ILE C 196 -7.74 -7.16 -25.23
N ARG C 197 -8.22 -8.38 -25.54
CA ARG C 197 -8.06 -9.53 -24.65
C ARG C 197 -7.06 -10.51 -25.24
N ASN C 198 -6.04 -10.85 -24.44
CA ASN C 198 -4.99 -11.75 -24.87
C ASN C 198 -4.58 -12.68 -23.73
N GLY C 199 -5.54 -13.14 -22.92
CA GLY C 199 -5.27 -14.27 -22.04
C GLY C 199 -4.82 -15.50 -22.83
N ASP C 200 -4.08 -16.41 -22.18
CA ASP C 200 -3.63 -17.58 -22.90
C ASP C 200 -4.67 -18.71 -22.85
N TRP C 201 -5.89 -18.40 -22.39
CA TRP C 201 -7.03 -19.29 -22.55
C TRP C 201 -8.35 -18.54 -22.59
N LEU C 202 -9.07 -18.63 -23.71
CA LEU C 202 -10.28 -17.82 -23.90
C LEU C 202 -11.57 -18.51 -23.41
N GLN D 1 3.33 11.84 0.82
CA GLN D 1 3.39 13.01 1.75
C GLN D 1 4.23 14.14 1.13
N VAL D 2 3.72 14.69 0.01
CA VAL D 2 4.14 15.98 -0.54
C VAL D 2 3.09 17.01 -0.09
N GLN D 3 3.53 18.27 0.06
CA GLN D 3 2.66 19.35 0.48
C GLN D 3 2.59 20.42 -0.61
N LEU D 4 1.37 20.83 -0.95
CA LEU D 4 1.15 21.85 -1.95
C LEU D 4 0.31 23.00 -1.37
N VAL D 5 0.81 24.23 -1.55
CA VAL D 5 0.17 25.45 -1.07
C VAL D 5 0.00 26.41 -2.25
N GLU D 6 -1.27 26.75 -2.55
CA GLU D 6 -1.56 27.71 -3.60
C GLU D 6 -1.87 29.08 -3.00
N SER D 7 -1.39 30.14 -3.65
CA SER D 7 -1.66 31.51 -3.25
C SER D 7 -1.79 32.40 -4.48
N GLY D 8 -2.33 33.62 -4.28
CA GLY D 8 -2.35 34.67 -5.29
C GLY D 8 -3.76 35.07 -5.72
N GLY D 9 -4.78 34.34 -5.24
CA GLY D 9 -6.12 34.47 -5.75
C GLY D 9 -6.94 35.52 -4.99
N GLY D 10 -7.80 36.22 -5.73
CA GLY D 10 -8.72 37.19 -5.19
C GLY D 10 -9.74 37.58 -6.26
N VAL D 11 -10.72 38.40 -5.88
CA VAL D 11 -11.61 39.01 -6.85
C VAL D 11 -10.79 39.95 -7.75
N VAL D 12 -10.93 39.79 -9.07
CA VAL D 12 -10.14 40.58 -10.01
C VAL D 12 -11.01 41.05 -11.18
N GLN D 13 -10.43 41.93 -12.02
CA GLN D 13 -11.19 42.72 -12.97
C GLN D 13 -11.23 42.02 -14.32
N ALA D 14 -12.43 41.89 -14.88
CA ALA D 14 -12.57 41.36 -16.22
C ALA D 14 -11.57 42.05 -17.14
N GLY D 15 -10.84 41.29 -17.93
CA GLY D 15 -9.85 41.87 -18.84
C GLY D 15 -8.50 42.04 -18.15
N GLY D 16 -8.51 41.83 -16.82
CA GLY D 16 -7.37 41.98 -15.93
C GLY D 16 -6.34 40.85 -16.01
N SER D 17 -5.60 40.65 -14.90
CA SER D 17 -4.32 39.97 -14.92
C SER D 17 -3.91 39.54 -13.50
N LEU D 18 -3.82 38.22 -13.26
CA LEU D 18 -3.41 37.65 -11.97
C LEU D 18 -2.23 36.72 -12.18
N ARG D 19 -1.55 36.41 -11.07
CA ARG D 19 -0.44 35.47 -11.06
C ARG D 19 -0.62 34.56 -9.84
N LEU D 20 -0.90 33.28 -10.10
CA LEU D 20 -1.02 32.29 -9.04
C LEU D 20 0.34 31.64 -8.81
N SER D 21 0.58 31.28 -7.56
CA SER D 21 1.80 30.60 -7.20
C SER D 21 1.51 29.39 -6.32
N CYS D 22 2.36 28.37 -6.50
CA CYS D 22 2.27 27.11 -5.79
C CYS D 22 3.64 26.76 -5.22
N ALA D 23 3.67 26.67 -3.89
CA ALA D 23 4.82 26.22 -3.12
C ALA D 23 4.79 24.69 -3.02
N ALA D 24 5.80 24.03 -3.59
CA ALA D 24 5.96 22.60 -3.43
C ALA D 24 7.04 22.32 -2.39
N SER D 25 6.78 21.34 -1.53
CA SER D 25 7.57 21.13 -0.32
C SER D 25 8.14 19.71 -0.25
N GLY D 26 7.25 18.71 -0.19
CA GLY D 26 7.62 17.38 0.30
C GLY D 26 8.19 16.44 -0.76
N SER D 27 8.96 16.97 -1.71
CA SER D 27 9.28 16.22 -2.91
C SER D 27 10.75 16.37 -3.32
N ILE D 28 11.09 15.68 -4.41
CA ILE D 28 12.25 15.98 -5.23
C ILE D 28 11.73 16.75 -6.44
N PHE D 29 11.26 17.97 -6.14
CA PHE D 29 10.43 18.79 -7.01
C PHE D 29 10.88 18.70 -8.46
N SER D 30 12.20 18.61 -8.67
CA SER D 30 12.83 18.90 -9.95
C SER D 30 12.63 17.78 -10.96
N SER D 31 12.21 16.60 -10.47
CA SER D 31 12.04 15.44 -11.33
C SER D 31 10.57 15.19 -11.66
N ASN D 32 9.67 16.00 -11.07
CA ASN D 32 8.25 15.94 -11.35
C ASN D 32 7.86 16.95 -12.43
N ALA D 33 6.85 16.57 -13.23
CA ALA D 33 6.04 17.52 -13.95
C ALA D 33 5.00 18.10 -12.99
N MET D 34 4.53 19.33 -13.29
CA MET D 34 3.64 20.12 -12.44
C MET D 34 2.55 20.74 -13.31
N ALA D 35 1.37 20.95 -12.70
CA ALA D 35 0.21 21.43 -13.44
C ALA D 35 -0.69 22.25 -12.53
N TRP D 36 -1.54 23.06 -13.18
CA TRP D 36 -2.63 23.80 -12.55
C TRP D 36 -3.96 23.29 -13.06
N TYR D 37 -4.91 23.06 -12.15
CA TYR D 37 -6.27 22.68 -12.52
C TYR D 37 -7.23 23.76 -12.02
N ARG D 38 -8.45 23.80 -12.54
CA ARG D 38 -9.40 24.71 -11.94
C ARG D 38 -10.73 24.00 -11.80
N GLN D 39 -11.57 24.43 -10.87
CA GLN D 39 -12.88 23.83 -10.71
C GLN D 39 -13.89 24.96 -10.55
N ALA D 40 -14.66 25.19 -11.62
CA ALA D 40 -15.73 26.16 -11.59
C ALA D 40 -16.93 25.59 -10.84
N PRO D 41 -17.88 26.43 -10.35
CA PRO D 41 -19.11 25.92 -9.74
C PRO D 41 -19.88 24.99 -10.67
N GLY D 42 -20.35 23.87 -10.10
CA GLY D 42 -21.13 22.86 -10.80
C GLY D 42 -20.35 22.08 -11.85
N ASN D 43 -19.02 22.27 -11.94
CA ASN D 43 -18.27 21.66 -13.02
C ASN D 43 -17.22 20.69 -12.49
N VAL D 44 -16.66 19.89 -13.41
CA VAL D 44 -15.61 19.00 -12.96
C VAL D 44 -14.28 19.73 -13.10
N ARG D 45 -13.35 19.39 -12.20
CA ARG D 45 -12.03 19.98 -12.20
C ARG D 45 -11.35 19.63 -13.52
N ARG D 46 -10.91 20.66 -14.25
CA ARG D 46 -10.19 20.43 -15.50
C ARG D 46 -8.75 20.92 -15.37
N LEU D 47 -7.85 20.29 -16.15
CA LEU D 47 -6.49 20.76 -16.29
C LEU D 47 -6.43 22.10 -17.05
N VAL D 48 -5.76 23.09 -16.46
CA VAL D 48 -5.57 24.40 -17.07
C VAL D 48 -4.23 24.46 -17.82
N ALA D 49 -3.14 24.02 -17.17
CA ALA D 49 -1.83 24.03 -17.82
C ALA D 49 -0.89 23.07 -17.11
N ALA D 50 0.05 22.50 -17.87
CA ALA D 50 1.11 21.72 -17.24
C ALA D 50 2.48 22.09 -17.80
N ILE D 51 3.52 21.79 -17.01
CA ILE D 51 4.91 22.00 -17.39
C ILE D 51 5.72 20.74 -17.09
N SER D 52 6.59 20.39 -18.05
CA SER D 52 7.45 19.22 -17.97
C SER D 52 8.41 19.33 -16.79
N SER D 53 9.05 18.19 -16.46
CA SER D 53 10.07 18.15 -15.44
C SER D 53 11.15 19.18 -15.79
N ARG D 54 11.73 19.02 -16.99
CA ARG D 54 12.77 19.88 -17.51
C ARG D 54 12.32 21.34 -17.46
N GLY D 55 11.09 21.61 -17.92
CA GLY D 55 10.54 22.95 -17.97
C GLY D 55 10.36 23.46 -19.40
N ASP D 56 10.59 22.54 -20.36
CA ASP D 56 10.67 22.87 -21.78
C ASP D 56 9.32 22.69 -22.47
N ASN D 57 8.52 21.72 -22.00
CA ASN D 57 7.26 21.37 -22.63
C ASN D 57 6.08 21.68 -21.70
N THR D 58 4.95 21.98 -22.34
CA THR D 58 3.75 22.44 -21.67
C THR D 58 2.51 21.76 -22.28
N ASN D 59 1.44 21.72 -21.49
CA ASN D 59 0.09 21.54 -22.01
C ASN D 59 -0.71 22.73 -21.50
N TYR D 60 -1.70 23.15 -22.30
CA TYR D 60 -2.65 24.17 -21.92
C TYR D 60 -4.03 23.78 -22.43
N GLU D 61 -5.03 23.98 -21.59
CA GLU D 61 -6.41 24.04 -22.04
C GLU D 61 -6.49 24.99 -23.24
N ASP D 62 -7.35 24.67 -24.21
CA ASP D 62 -7.47 25.49 -25.42
C ASP D 62 -7.98 26.88 -25.09
N SER D 63 -8.98 26.94 -24.22
CA SER D 63 -9.73 28.16 -23.94
C SER D 63 -8.87 29.18 -23.19
N VAL D 64 -7.59 28.85 -22.93
CA VAL D 64 -6.75 29.66 -22.06
C VAL D 64 -5.34 29.73 -22.65
N ARG D 65 -5.13 29.07 -23.81
CA ARG D 65 -3.89 29.12 -24.57
C ARG D 65 -3.55 30.57 -24.93
N GLY D 66 -2.26 30.92 -24.77
CA GLY D 66 -1.80 32.26 -25.09
C GLY D 66 -2.03 33.28 -23.96
N ARG D 67 -3.25 33.29 -23.39
CA ARG D 67 -3.62 34.09 -22.23
C ARG D 67 -2.85 33.67 -20.97
N PHE D 68 -2.97 32.41 -20.56
CA PHE D 68 -2.30 31.92 -19.36
C PHE D 68 -0.90 31.46 -19.75
N THR D 69 0.04 31.58 -18.82
CA THR D 69 1.41 31.12 -19.05
C THR D 69 1.90 30.44 -17.78
N ILE D 70 2.37 29.19 -17.92
CA ILE D 70 2.84 28.43 -16.78
C ILE D 70 4.36 28.49 -16.73
N SER D 71 4.90 28.48 -15.51
CA SER D 71 6.34 28.46 -15.32
C SER D 71 6.69 27.83 -13.97
N ARG D 72 7.94 27.40 -13.86
CA ARG D 72 8.44 26.82 -12.63
C ARG D 72 9.75 27.48 -12.24
N ASP D 73 10.06 27.39 -10.94
CA ASP D 73 11.36 27.78 -10.45
C ASP D 73 11.97 26.59 -9.72
N ASN D 74 13.04 26.04 -10.33
CA ASN D 74 13.70 24.84 -9.86
C ASN D 74 14.55 25.14 -8.62
N ALA D 75 14.96 26.41 -8.47
CA ALA D 75 15.61 26.88 -7.26
C ALA D 75 14.58 27.02 -6.13
N GLU D 76 13.44 27.67 -6.43
CA GLU D 76 12.50 28.08 -5.41
C GLU D 76 11.52 26.97 -5.05
N ASN D 77 11.49 25.89 -5.86
CA ASN D 77 10.56 24.78 -5.70
C ASN D 77 9.12 25.31 -5.70
N THR D 78 8.80 26.05 -6.77
CA THR D 78 7.50 26.67 -6.93
C THR D 78 7.09 26.64 -8.40
N VAL D 79 5.78 26.65 -8.63
CA VAL D 79 5.23 26.70 -9.99
C VAL D 79 4.14 27.76 -10.01
N SER D 80 4.04 28.47 -11.15
CA SER D 80 3.22 29.66 -11.19
C SER D 80 2.41 29.77 -12.48
N LEU D 81 1.28 30.46 -12.36
CA LEU D 81 0.37 30.67 -13.47
C LEU D 81 0.17 32.17 -13.65
N GLN D 82 0.78 32.71 -14.73
CA GLN D 82 0.49 34.05 -15.20
C GLN D 82 -0.80 34.00 -16.01
N MET D 83 -1.84 34.66 -15.50
CA MET D 83 -3.11 34.75 -16.19
C MET D 83 -3.28 36.16 -16.77
N ASN D 84 -3.47 36.25 -18.09
CA ASN D 84 -3.78 37.53 -18.72
C ASN D 84 -5.23 37.50 -19.25
N SER D 85 -5.79 38.69 -19.50
CA SER D 85 -7.01 38.90 -20.26
C SER D 85 -8.18 38.10 -19.70
N LEU D 86 -8.32 38.15 -18.36
CA LEU D 86 -9.25 37.30 -17.62
C LEU D 86 -10.68 37.49 -18.13
N LYS D 87 -11.53 36.49 -17.88
CA LYS D 87 -12.92 36.44 -18.35
C LYS D 87 -13.77 35.84 -17.24
N PRO D 88 -15.08 36.15 -17.15
CA PRO D 88 -15.92 35.67 -16.06
C PRO D 88 -15.95 34.14 -15.99
N GLU D 89 -15.55 33.50 -17.11
CA GLU D 89 -15.52 32.06 -17.26
C GLU D 89 -14.26 31.45 -16.65
N ASP D 90 -13.33 32.28 -16.18
CA ASP D 90 -12.12 31.80 -15.55
C ASP D 90 -12.35 31.66 -14.05
N THR D 91 -13.43 32.26 -13.55
CA THR D 91 -13.77 32.11 -12.14
C THR D 91 -13.73 30.63 -11.79
N ALA D 92 -13.10 30.27 -10.66
CA ALA D 92 -12.95 28.88 -10.23
C ALA D 92 -12.08 28.78 -8.98
N ILE D 93 -12.09 27.61 -8.32
CA ILE D 93 -11.01 27.29 -7.39
C ILE D 93 -9.89 26.77 -8.27
N TYR D 94 -8.66 27.22 -8.02
CA TYR D 94 -7.50 26.78 -8.77
C TYR D 94 -6.59 25.93 -7.87
N TYR D 95 -6.19 24.76 -8.38
CA TYR D 95 -5.41 23.82 -7.60
C TYR D 95 -4.08 23.52 -8.29
N CYS D 96 -3.07 23.28 -7.46
CA CYS D 96 -1.76 22.85 -7.92
C CYS D 96 -1.71 21.32 -7.84
N ASN D 97 -0.99 20.70 -8.79
CA ASN D 97 -0.92 19.25 -8.85
C ASN D 97 0.46 18.79 -9.33
N VAL D 98 0.89 17.62 -8.83
CA VAL D 98 2.11 16.92 -9.18
C VAL D 98 1.77 15.75 -10.10
N GLY D 99 2.48 15.63 -11.23
CA GLY D 99 2.40 14.48 -12.13
C GLY D 99 3.68 14.19 -12.92
N SER D 100 3.55 13.48 -14.06
CA SER D 100 4.64 13.16 -14.97
C SER D 100 4.19 13.44 -16.40
N PHE D 101 5.16 13.64 -17.29
CA PHE D 101 4.87 13.76 -18.71
C PHE D 101 5.08 12.43 -19.42
N TYR D 102 4.30 12.19 -20.46
CA TYR D 102 4.49 11.02 -21.30
C TYR D 102 4.04 11.35 -22.72
N ARG D 103 5.00 11.29 -23.65
CA ARG D 103 4.79 11.60 -25.06
C ARG D 103 3.99 12.89 -25.20
N GLY D 104 4.43 13.92 -24.47
CA GLY D 104 3.92 15.26 -24.67
C GLY D 104 2.61 15.50 -23.93
N ASN D 105 2.13 14.51 -23.16
CA ASN D 105 0.94 14.71 -22.37
C ASN D 105 1.26 14.60 -20.89
N TYR D 106 0.81 15.60 -20.13
CA TYR D 106 0.85 15.54 -18.69
C TYR D 106 -0.17 14.52 -18.19
N TYR D 107 0.25 13.73 -17.20
CA TYR D 107 -0.56 12.78 -16.46
C TYR D 107 -0.52 13.16 -14.99
N GLY D 108 -1.69 13.27 -14.37
CA GLY D 108 -1.81 13.86 -13.05
C GLY D 108 -1.81 12.83 -11.92
N GLY D 109 -1.06 13.15 -10.86
CA GLY D 109 -1.18 12.46 -9.58
C GLY D 109 -2.38 12.96 -8.78
N SER D 110 -2.50 12.46 -7.54
CA SER D 110 -3.63 12.69 -6.64
C SER D 110 -3.25 13.65 -5.51
N SER D 111 -2.05 14.27 -5.62
CA SER D 111 -1.61 15.30 -4.69
C SER D 111 -2.16 16.68 -5.10
N TRP D 112 -2.84 17.33 -4.16
CA TRP D 112 -3.50 18.59 -4.40
C TRP D 112 -3.14 19.54 -3.26
N GLY D 113 -3.05 20.83 -3.57
CA GLY D 113 -3.15 21.85 -2.54
C GLY D 113 -4.62 22.04 -2.14
N GLN D 114 -4.86 23.00 -1.25
CA GLN D 114 -6.21 23.24 -0.76
C GLN D 114 -6.98 24.17 -1.69
N GLY D 115 -6.27 24.73 -2.68
CA GLY D 115 -6.91 25.52 -3.71
C GLY D 115 -6.91 27.00 -3.34
N THR D 116 -6.86 27.86 -4.37
CA THR D 116 -6.99 29.30 -4.21
C THR D 116 -8.07 29.84 -5.16
N GLN D 117 -9.02 30.61 -4.60
CA GLN D 117 -10.25 31.01 -5.27
C GLN D 117 -10.00 32.24 -6.14
N VAL D 118 -10.25 32.11 -7.45
CA VAL D 118 -10.20 33.23 -8.39
C VAL D 118 -11.63 33.56 -8.86
N THR D 119 -12.00 34.84 -8.73
CA THR D 119 -13.28 35.35 -9.22
C THR D 119 -13.03 36.53 -10.12
N VAL D 120 -13.53 36.47 -11.35
CA VAL D 120 -13.35 37.55 -12.30
C VAL D 120 -14.65 38.33 -12.42
N SER D 121 -14.62 39.60 -12.01
CA SER D 121 -15.86 40.36 -11.93
C SER D 121 -15.68 41.70 -12.64
N SER D 122 -16.67 42.57 -12.46
CA SER D 122 -16.64 43.93 -13.03
C SER D 122 -17.51 44.82 -12.15
N HIS D 123 -17.32 46.14 -12.25
CA HIS D 123 -18.21 47.08 -11.54
C HIS D 123 -19.36 47.38 -12.50
N HIS D 124 -19.72 46.40 -13.34
CA HIS D 124 -20.82 46.51 -14.34
C HIS D 124 -20.45 47.45 -15.48
N GLU E 73 -2.90 -63.52 8.91
CA GLU E 73 -1.59 -63.03 9.42
C GLU E 73 -0.48 -63.96 8.94
N GLU E 74 -0.38 -64.15 7.62
CA GLU E 74 0.63 -65.08 7.10
C GLU E 74 2.05 -64.50 7.20
N GLY E 75 2.20 -63.29 7.75
CA GLY E 75 3.49 -62.64 7.91
C GLY E 75 3.79 -61.62 6.81
N LEU E 76 5.08 -61.36 6.55
CA LEU E 76 5.49 -60.52 5.42
C LEU E 76 5.62 -61.40 4.18
N PRO E 77 5.20 -60.95 2.98
CA PRO E 77 5.41 -61.73 1.77
C PRO E 77 6.83 -61.53 1.29
N LEU E 78 7.43 -62.61 0.75
CA LEU E 78 8.76 -62.53 0.15
C LEU E 78 8.60 -62.57 -1.36
N VAL E 79 9.23 -61.62 -2.03
CA VAL E 79 9.02 -61.40 -3.45
C VAL E 79 10.27 -61.85 -4.20
N GLY E 80 10.11 -62.90 -5.00
CA GLY E 80 11.20 -63.53 -5.72
C GLY E 80 11.44 -62.88 -7.07
N ARG E 81 11.69 -63.73 -8.08
CA ARG E 81 11.88 -63.29 -9.46
C ARG E 81 10.60 -62.56 -9.87
N VAL E 82 10.78 -61.32 -10.33
CA VAL E 82 9.67 -60.41 -10.64
C VAL E 82 9.57 -60.28 -12.16
N ALA E 83 8.54 -60.94 -12.73
CA ALA E 83 8.37 -61.09 -14.16
C ALA E 83 8.38 -59.71 -14.82
N ALA E 84 9.28 -59.54 -15.79
CA ALA E 84 9.54 -58.27 -16.43
C ALA E 84 8.23 -57.60 -16.84
N GLY E 85 7.92 -56.46 -16.21
CA GLY E 85 6.73 -55.71 -16.54
C GLY E 85 5.56 -55.93 -15.56
N GLU E 86 5.67 -56.95 -14.70
CA GLU E 86 4.55 -57.31 -13.84
C GLU E 86 4.63 -56.58 -12.50
N PRO E 87 3.49 -56.30 -11.84
CA PRO E 87 3.51 -55.67 -10.51
C PRO E 87 4.37 -56.46 -9.54
N LEU E 88 5.05 -55.72 -8.66
CA LEU E 88 5.92 -56.26 -7.64
C LEU E 88 5.23 -57.40 -6.90
N LEU E 89 3.93 -57.26 -6.60
CA LEU E 89 3.27 -58.22 -5.73
C LEU E 89 2.13 -58.99 -6.41
N ALA E 90 2.29 -59.34 -7.69
CA ALA E 90 1.47 -60.40 -8.24
C ALA E 90 1.73 -61.69 -7.47
N GLN E 91 0.71 -62.54 -7.31
CA GLN E 91 0.75 -63.76 -6.50
C GLN E 91 1.89 -64.69 -6.90
N GLN E 92 2.29 -64.63 -8.18
CA GLN E 92 3.28 -65.52 -8.74
C GLN E 92 4.71 -65.11 -8.35
N HIS E 93 4.86 -64.03 -7.57
CA HIS E 93 6.17 -63.51 -7.22
C HIS E 93 6.51 -63.84 -5.77
N ILE E 94 5.44 -64.11 -4.98
CA ILE E 94 5.53 -64.59 -3.60
C ILE E 94 6.14 -66.00 -3.59
N GLU E 95 7.04 -66.24 -2.64
CA GLU E 95 7.73 -67.51 -2.52
C GLU E 95 7.48 -68.04 -1.11
N GLY E 96 7.40 -67.11 -0.16
CA GLY E 96 7.08 -67.44 1.22
C GLY E 96 6.46 -66.25 1.94
N HIS E 97 6.11 -66.48 3.20
CA HIS E 97 5.80 -65.44 4.16
C HIS E 97 6.67 -65.70 5.37
N TYR E 98 7.25 -64.65 5.96
CA TYR E 98 8.02 -64.80 7.17
C TYR E 98 7.43 -63.88 8.24
N GLN E 99 7.08 -64.45 9.39
CA GLN E 99 6.60 -63.66 10.52
C GLN E 99 7.71 -62.67 10.90
N VAL E 100 7.38 -61.38 10.90
CA VAL E 100 8.34 -60.39 11.32
C VAL E 100 7.62 -59.35 12.18
N ASP E 101 8.30 -58.90 13.23
CA ASP E 101 7.80 -57.88 14.13
C ASP E 101 7.61 -56.58 13.36
N PRO E 102 6.43 -55.95 13.42
CA PRO E 102 6.16 -54.77 12.61
C PRO E 102 6.78 -53.52 13.23
N SER E 103 7.30 -53.68 14.45
CA SER E 103 8.01 -52.59 15.10
C SER E 103 9.53 -52.76 14.93
N LEU E 104 9.95 -53.70 14.09
CA LEU E 104 11.40 -53.85 13.83
C LEU E 104 11.84 -52.70 12.94
N PHE E 105 11.23 -52.59 11.77
CA PHE E 105 11.63 -51.56 10.77
C PHE E 105 10.75 -50.32 10.86
N LYS E 106 11.35 -49.14 10.67
CA LYS E 106 10.61 -47.84 10.66
C LYS E 106 11.08 -47.04 9.45
N PRO E 107 10.19 -46.42 8.63
CA PRO E 107 8.78 -46.80 8.53
C PRO E 107 8.44 -48.30 8.42
N ASN E 108 7.18 -48.66 8.60
CA ASN E 108 6.73 -50.07 8.60
C ASN E 108 6.99 -50.76 7.27
N ALA E 109 7.63 -51.93 7.30
CA ALA E 109 7.84 -52.69 6.06
C ALA E 109 6.53 -53.35 5.65
N ASP E 110 6.33 -53.49 4.36
CA ASP E 110 5.09 -54.11 3.85
C ASP E 110 5.47 -55.41 3.17
N PHE E 111 6.71 -55.49 2.69
CA PHE E 111 7.15 -56.74 2.06
C PHE E 111 8.68 -56.81 2.02
N LEU E 112 9.18 -58.00 1.63
CA LEU E 112 10.60 -58.28 1.51
C LEU E 112 10.89 -58.56 0.04
N LEU E 113 11.87 -57.84 -0.50
CA LEU E 113 12.19 -58.00 -1.90
C LEU E 113 13.61 -58.57 -1.99
N ARG E 114 13.76 -59.64 -2.77
CA ARG E 114 15.08 -60.24 -2.95
C ARG E 114 15.93 -59.32 -3.81
N VAL E 115 17.06 -58.89 -3.26
CA VAL E 115 17.95 -58.01 -4.00
C VAL E 115 18.67 -58.80 -5.08
N SER E 116 18.84 -58.18 -6.24
CA SER E 116 19.73 -58.68 -7.29
C SER E 116 20.98 -57.83 -7.32
N GLY E 117 22.14 -58.51 -7.44
CA GLY E 117 23.39 -57.88 -7.84
C GLY E 117 24.13 -57.25 -6.67
N MET E 118 25.29 -56.63 -6.97
CA MET E 118 26.11 -56.04 -5.94
C MET E 118 26.18 -54.52 -6.12
N SER E 119 25.10 -53.92 -6.61
CA SER E 119 25.13 -52.50 -6.90
C SER E 119 25.07 -51.65 -5.62
N MET E 120 24.58 -52.23 -4.53
CA MET E 120 24.53 -51.46 -3.30
C MET E 120 25.41 -52.11 -2.23
N LYS E 121 26.48 -52.80 -2.67
CA LYS E 121 27.31 -53.58 -1.74
C LYS E 121 28.03 -52.68 -0.74
N ASP E 122 28.28 -51.40 -1.09
CA ASP E 122 29.15 -50.57 -0.26
C ASP E 122 28.41 -50.15 1.00
N ILE E 123 27.08 -50.31 1.01
CA ILE E 123 26.30 -50.07 2.21
C ILE E 123 25.83 -51.40 2.78
N GLY E 124 26.31 -52.51 2.19
CA GLY E 124 26.08 -53.82 2.77
C GLY E 124 24.72 -54.41 2.40
N ILE E 125 24.16 -53.91 1.29
CA ILE E 125 23.02 -54.55 0.66
C ILE E 125 23.55 -55.41 -0.48
N MET E 126 23.74 -56.70 -0.16
CA MET E 126 24.38 -57.76 -0.95
C MET E 126 23.32 -58.55 -1.69
N ASP E 127 23.70 -59.04 -2.88
CA ASP E 127 22.86 -59.93 -3.69
C ASP E 127 22.20 -61.00 -2.83
N GLY E 128 20.89 -61.20 -3.03
CA GLY E 128 20.14 -62.25 -2.36
C GLY E 128 19.67 -61.82 -0.97
N ASP E 129 19.92 -60.56 -0.62
CA ASP E 129 19.42 -59.97 0.61
C ASP E 129 17.91 -59.81 0.51
N LEU E 130 17.26 -59.73 1.67
CA LEU E 130 15.84 -59.49 1.72
C LEU E 130 15.65 -58.03 2.14
N LEU E 131 15.39 -57.17 1.13
CA LEU E 131 15.16 -55.74 1.38
C LEU E 131 13.76 -55.54 1.94
N ALA E 132 13.72 -54.86 3.09
CA ALA E 132 12.45 -54.50 3.71
C ALA E 132 11.97 -53.21 3.05
N VAL E 133 10.80 -53.26 2.41
CA VAL E 133 10.28 -52.12 1.68
C VAL E 133 9.01 -51.64 2.40
N HIS E 134 8.99 -50.34 2.71
CA HIS E 134 7.77 -49.63 3.05
C HIS E 134 7.10 -49.16 1.76
N LYS E 135 5.86 -49.64 1.55
CA LYS E 135 4.98 -49.27 0.45
C LYS E 135 4.52 -47.82 0.54
N THR E 136 4.78 -47.04 -0.51
CA THR E 136 4.53 -45.61 -0.53
C THR E 136 5.05 -45.06 -1.85
N GLN E 137 4.58 -43.86 -2.21
CA GLN E 137 5.18 -43.11 -3.32
C GLN E 137 5.76 -41.81 -2.79
N ASP E 138 5.98 -41.73 -1.46
CA ASP E 138 6.55 -40.54 -0.87
C ASP E 138 7.98 -40.82 -0.42
N VAL E 139 8.95 -40.29 -1.15
CA VAL E 139 10.35 -40.55 -0.86
C VAL E 139 11.14 -39.26 -1.06
N ARG E 140 12.39 -39.21 -0.60
CA ARG E 140 13.12 -37.96 -0.68
C ARG E 140 14.45 -38.24 -1.34
N ASN E 141 14.96 -37.24 -2.07
CA ASN E 141 16.34 -37.32 -2.52
C ASN E 141 17.16 -37.80 -1.33
N GLY E 142 18.00 -38.78 -1.58
CA GLY E 142 18.91 -39.24 -0.54
C GLY E 142 18.49 -40.59 0.02
N GLN E 143 17.26 -41.01 -0.29
CA GLN E 143 16.76 -42.28 0.22
C GLN E 143 17.00 -43.40 -0.79
N VAL E 144 17.12 -44.62 -0.27
CA VAL E 144 17.21 -45.82 -1.09
C VAL E 144 15.77 -46.15 -1.45
N VAL E 145 15.49 -46.18 -2.74
CA VAL E 145 14.11 -46.39 -3.17
C VAL E 145 14.03 -47.65 -4.04
N VAL E 146 12.79 -48.10 -4.21
CA VAL E 146 12.48 -49.14 -5.17
C VAL E 146 11.72 -48.43 -6.28
N ALA E 147 12.40 -48.15 -7.38
CA ALA E 147 11.77 -47.50 -8.51
C ALA E 147 11.62 -48.48 -9.67
N ARG E 148 10.56 -48.29 -10.44
CA ARG E 148 10.31 -48.98 -11.68
C ARG E 148 10.65 -48.04 -12.82
N ILE E 149 11.53 -48.46 -13.72
CA ILE E 149 11.78 -47.74 -14.97
C ILE E 149 11.33 -48.64 -16.10
N ASP E 150 10.32 -48.19 -16.86
CA ASP E 150 9.75 -49.01 -17.91
C ASP E 150 9.49 -50.42 -17.38
N ASP E 151 10.21 -51.41 -17.93
CA ASP E 151 9.94 -52.81 -17.61
C ASP E 151 10.75 -53.29 -16.42
N GLU E 152 11.72 -52.49 -15.95
CA GLU E 152 12.65 -52.95 -14.91
C GLU E 152 12.30 -52.29 -13.58
N VAL E 153 12.63 -52.98 -12.48
CA VAL E 153 12.45 -52.49 -11.13
C VAL E 153 13.80 -52.55 -10.42
N THR E 154 14.19 -51.47 -9.75
CA THR E 154 15.53 -51.44 -9.20
C THR E 154 15.59 -50.79 -7.81
N VAL E 155 16.76 -50.88 -7.17
CA VAL E 155 16.99 -50.39 -5.82
C VAL E 155 18.21 -49.49 -5.87
N LYS E 156 18.02 -48.21 -5.55
CA LYS E 156 19.03 -47.19 -5.71
C LYS E 156 18.80 -46.04 -4.73
N ARG E 157 19.81 -45.18 -4.61
CA ARG E 157 19.63 -43.93 -3.89
C ARG E 157 19.05 -42.91 -4.87
N LEU E 158 18.00 -42.19 -4.41
CA LEU E 158 17.28 -41.24 -5.26
C LEU E 158 17.98 -39.88 -5.29
N LYS E 159 17.98 -39.28 -6.48
CA LYS E 159 18.39 -37.91 -6.71
C LYS E 159 17.66 -37.40 -7.95
N LYS E 160 16.46 -36.87 -7.74
CA LYS E 160 15.74 -36.14 -8.76
C LYS E 160 16.36 -34.75 -8.89
N GLN E 161 16.53 -34.28 -10.13
CA GLN E 161 16.83 -32.88 -10.42
C GLN E 161 16.12 -32.47 -11.70
N GLY E 162 15.08 -31.66 -11.55
CA GLY E 162 14.30 -31.21 -12.70
C GLY E 162 13.56 -32.38 -13.34
N ASN E 163 13.65 -32.47 -14.67
CA ASN E 163 12.98 -33.53 -15.41
C ASN E 163 13.89 -34.75 -15.53
N LYS E 164 15.07 -34.64 -14.90
CA LYS E 164 16.10 -35.67 -14.88
C LYS E 164 16.16 -36.30 -13.50
N VAL E 165 16.03 -37.64 -13.47
CA VAL E 165 16.15 -38.34 -12.21
C VAL E 165 17.37 -39.26 -12.30
N GLU E 166 18.25 -39.13 -11.29
CA GLU E 166 19.46 -39.93 -11.15
C GLU E 166 19.27 -40.98 -10.05
N LEU E 167 19.58 -42.25 -10.39
CA LEU E 167 19.48 -43.38 -9.45
C LEU E 167 20.89 -43.88 -9.12
N LEU E 168 21.33 -43.62 -7.87
CA LEU E 168 22.73 -43.69 -7.48
C LEU E 168 23.05 -45.06 -6.86
N PRO E 169 24.08 -45.77 -7.38
CA PRO E 169 24.49 -47.04 -6.79
C PRO E 169 25.45 -46.77 -5.63
N GLU E 170 25.75 -47.81 -4.85
CA GLU E 170 26.76 -47.71 -3.82
C GLU E 170 27.84 -48.73 -4.12
N ASN E 171 28.63 -48.44 -5.17
CA ASN E 171 29.54 -49.43 -5.71
C ASN E 171 30.36 -48.72 -6.79
N SER E 172 31.68 -48.70 -6.62
CA SER E 172 32.59 -47.97 -7.48
C SER E 172 32.56 -48.49 -8.92
N GLU E 173 32.17 -49.75 -9.10
CA GLU E 173 32.20 -50.37 -10.42
C GLU E 173 30.86 -50.21 -11.10
N PHE E 174 29.94 -49.46 -10.46
CA PHE E 174 28.67 -49.16 -11.09
C PHE E 174 28.59 -47.66 -11.37
N LYS E 175 27.76 -47.29 -12.35
CA LYS E 175 27.61 -45.87 -12.69
C LYS E 175 26.15 -45.44 -12.52
N PRO E 176 25.89 -44.17 -12.16
CA PRO E 176 24.53 -43.64 -12.08
C PRO E 176 23.70 -43.89 -13.34
N ILE E 177 22.60 -44.62 -13.16
CA ILE E 177 21.53 -44.71 -14.13
C ILE E 177 20.84 -43.35 -14.17
N VAL E 178 20.49 -42.85 -15.36
CA VAL E 178 19.85 -41.54 -15.47
C VAL E 178 18.57 -41.59 -16.29
N VAL E 179 17.42 -41.40 -15.63
CA VAL E 179 16.12 -41.44 -16.26
C VAL E 179 15.76 -40.03 -16.70
N ASP E 180 15.27 -39.88 -17.94
CA ASP E 180 14.60 -38.66 -18.36
C ASP E 180 13.10 -38.95 -18.34
N LEU E 181 12.33 -38.13 -17.62
CA LEU E 181 10.93 -38.44 -17.36
C LEU E 181 10.08 -38.18 -18.59
N ARG E 182 10.63 -37.37 -19.52
CA ARG E 182 10.00 -37.15 -20.81
C ARG E 182 10.00 -38.46 -21.60
N GLN E 183 11.06 -39.26 -21.45
CA GLN E 183 11.35 -40.39 -22.35
C GLN E 183 10.95 -41.73 -21.74
N GLN E 184 10.85 -41.83 -20.41
CA GLN E 184 10.61 -43.13 -19.78
C GLN E 184 9.53 -43.02 -18.70
N SER E 185 8.70 -44.05 -18.59
CA SER E 185 7.85 -44.16 -17.43
C SER E 185 8.69 -44.42 -16.18
N PHE E 186 8.66 -43.49 -15.22
CA PHE E 186 9.33 -43.66 -13.94
C PHE E 186 8.36 -43.36 -12.79
N THR E 187 8.25 -44.34 -11.88
CA THR E 187 7.37 -44.29 -10.72
C THR E 187 8.03 -45.04 -9.56
N ILE E 188 7.70 -44.62 -8.33
CA ILE E 188 8.31 -45.08 -7.09
C ILE E 188 7.44 -46.20 -6.53
N GLU E 189 8.06 -47.34 -6.26
CA GLU E 189 7.34 -48.52 -5.82
C GLU E 189 7.39 -48.60 -4.32
N GLY E 190 8.49 -48.13 -3.71
CA GLY E 190 8.47 -47.97 -2.28
C GLY E 190 9.80 -47.47 -1.75
N LEU E 191 9.87 -47.32 -0.42
CA LEU E 191 11.07 -46.90 0.28
C LEU E 191 11.67 -48.09 1.00
N ALA E 192 13.00 -48.14 1.06
CA ALA E 192 13.69 -49.27 1.66
C ALA E 192 14.03 -48.93 3.11
N VAL E 193 13.61 -49.78 4.04
CA VAL E 193 13.68 -49.43 5.46
C VAL E 193 14.50 -50.46 6.21
N GLY E 194 15.08 -51.44 5.51
CA GLY E 194 15.97 -52.37 6.17
C GLY E 194 16.37 -53.56 5.30
N VAL E 195 17.06 -54.52 5.92
CA VAL E 195 17.66 -55.64 5.21
C VAL E 195 17.68 -56.85 6.13
N ILE E 196 17.25 -58.00 5.61
CA ILE E 196 17.39 -59.25 6.33
C ILE E 196 18.24 -60.19 5.47
N ARG E 197 19.43 -60.53 6.00
CA ARG E 197 20.30 -61.51 5.35
C ARG E 197 20.13 -62.87 6.02
N ASN E 198 20.04 -63.89 5.16
CA ASN E 198 19.44 -65.18 5.40
C ASN E 198 20.33 -66.27 4.81
N GLY E 199 19.93 -67.54 4.97
CA GLY E 199 20.63 -68.59 4.25
C GLY E 199 21.74 -69.25 5.06
N ASP E 200 22.45 -70.19 4.41
CA ASP E 200 23.18 -71.22 5.12
C ASP E 200 24.63 -70.80 5.40
N TRP E 201 25.16 -69.85 4.62
CA TRP E 201 26.55 -69.54 4.86
C TRP E 201 26.82 -68.04 4.90
N LEU E 202 26.81 -67.51 6.12
CA LEU E 202 27.20 -66.13 6.39
C LEU E 202 28.72 -66.05 6.60
N GLN F 1 -0.69 -58.30 -26.88
CA GLN F 1 -0.24 -57.06 -26.20
C GLN F 1 -1.46 -56.39 -25.55
N VAL F 2 -1.34 -56.10 -24.25
CA VAL F 2 -2.35 -55.31 -23.56
C VAL F 2 -2.18 -53.83 -23.93
N GLN F 3 -3.22 -53.25 -24.53
CA GLN F 3 -3.23 -51.89 -25.01
C GLN F 3 -4.15 -51.04 -24.13
N LEU F 4 -3.76 -49.77 -23.93
CA LEU F 4 -4.51 -48.84 -23.09
C LEU F 4 -4.75 -47.54 -23.86
N VAL F 5 -6.02 -47.10 -23.90
CA VAL F 5 -6.38 -45.83 -24.54
C VAL F 5 -7.14 -44.96 -23.55
N GLU F 6 -6.54 -43.81 -23.23
CA GLU F 6 -7.14 -42.80 -22.38
C GLU F 6 -7.74 -41.70 -23.24
N SER F 7 -8.90 -41.19 -22.80
CA SER F 7 -9.60 -40.09 -23.44
C SER F 7 -10.32 -39.25 -22.38
N GLY F 8 -10.81 -38.07 -22.80
CA GLY F 8 -11.66 -37.23 -21.97
C GLY F 8 -10.95 -36.00 -21.40
N GLY F 9 -9.62 -35.91 -21.60
CA GLY F 9 -8.83 -34.74 -21.19
C GLY F 9 -9.26 -33.45 -21.90
N GLY F 10 -8.69 -32.31 -21.47
CA GLY F 10 -9.21 -31.02 -21.88
C GLY F 10 -8.84 -29.88 -20.93
N VAL F 11 -9.36 -28.68 -21.24
CA VAL F 11 -9.02 -27.45 -20.55
C VAL F 11 -10.25 -27.03 -19.75
N VAL F 12 -10.08 -26.86 -18.43
CA VAL F 12 -11.18 -26.39 -17.60
C VAL F 12 -10.68 -25.33 -16.62
N GLN F 13 -11.64 -24.54 -16.13
CA GLN F 13 -11.46 -23.57 -15.07
C GLN F 13 -11.37 -24.30 -13.72
N ALA F 14 -10.65 -23.68 -12.76
CA ALA F 14 -10.68 -24.08 -11.36
C ALA F 14 -12.13 -24.30 -10.93
N GLY F 15 -12.38 -25.36 -10.15
CA GLY F 15 -13.73 -25.71 -9.77
C GLY F 15 -14.55 -26.21 -10.96
N GLY F 16 -13.86 -26.54 -12.05
CA GLY F 16 -14.48 -27.27 -13.14
C GLY F 16 -14.39 -28.78 -12.91
N SER F 17 -14.79 -29.54 -13.92
CA SER F 17 -14.90 -30.98 -13.79
C SER F 17 -14.68 -31.64 -15.15
N LEU F 18 -14.11 -32.86 -15.12
CA LEU F 18 -13.93 -33.69 -16.31
C LEU F 18 -14.18 -35.13 -15.91
N ARG F 19 -14.33 -36.00 -16.90
CA ARG F 19 -14.39 -37.43 -16.65
C ARG F 19 -13.41 -38.11 -17.59
N LEU F 20 -12.41 -38.80 -17.04
CA LEU F 20 -11.49 -39.46 -17.95
C LEU F 20 -12.02 -40.86 -18.18
N SER F 21 -11.58 -41.50 -19.27
CA SER F 21 -11.97 -42.88 -19.52
C SER F 21 -10.80 -43.65 -20.14
N CYS F 22 -10.63 -44.91 -19.72
CA CYS F 22 -9.58 -45.75 -20.29
C CYS F 22 -10.19 -47.03 -20.87
N ALA F 23 -9.78 -47.34 -22.09
CA ALA F 23 -10.23 -48.57 -22.77
C ALA F 23 -9.08 -49.59 -22.81
N ALA F 24 -9.24 -50.74 -22.16
CA ALA F 24 -8.20 -51.80 -22.16
C ALA F 24 -8.54 -52.82 -23.25
N SER F 25 -7.54 -53.26 -24.00
CA SER F 25 -7.84 -54.13 -25.16
C SER F 25 -7.38 -55.57 -24.94
N GLY F 26 -6.07 -55.82 -24.88
CA GLY F 26 -5.60 -57.22 -24.84
C GLY F 26 -5.27 -57.76 -23.46
N SER F 27 -6.28 -58.24 -22.73
CA SER F 27 -6.04 -58.86 -21.40
C SER F 27 -7.38 -59.19 -20.76
N ILE F 28 -7.38 -60.05 -19.73
CA ILE F 28 -8.66 -60.32 -19.00
C ILE F 28 -8.84 -59.17 -18.01
N PHE F 29 -9.66 -58.20 -18.39
CA PHE F 29 -9.84 -56.96 -17.59
C PHE F 29 -10.35 -57.32 -16.20
N SER F 30 -11.30 -58.23 -16.11
CA SER F 30 -11.90 -58.50 -14.79
C SER F 30 -10.91 -59.18 -13.87
N SER F 31 -9.75 -59.60 -14.38
CA SER F 31 -8.84 -60.19 -13.40
C SER F 31 -7.85 -59.16 -12.88
N ASN F 32 -7.75 -57.99 -13.54
CA ASN F 32 -6.70 -57.02 -13.27
C ASN F 32 -7.23 -55.79 -12.53
N ALA F 33 -6.49 -55.33 -11.52
CA ALA F 33 -6.72 -54.03 -10.91
C ALA F 33 -6.25 -52.92 -11.86
N MET F 34 -7.00 -51.80 -11.89
CA MET F 34 -6.74 -50.71 -12.82
C MET F 34 -6.43 -49.42 -12.08
N ALA F 35 -5.51 -48.60 -12.64
CA ALA F 35 -5.08 -47.35 -12.02
C ALA F 35 -4.88 -46.20 -13.02
N TRP F 36 -4.99 -44.98 -12.47
CA TRP F 36 -4.71 -43.71 -13.12
C TRP F 36 -3.52 -43.08 -12.42
N TYR F 37 -2.55 -42.63 -13.21
CA TYR F 37 -1.40 -41.90 -12.71
C TYR F 37 -1.43 -40.52 -13.38
N ARG F 38 -0.64 -39.58 -12.85
CA ARG F 38 -0.48 -38.35 -13.59
C ARG F 38 0.96 -37.86 -13.47
N GLN F 39 1.42 -37.18 -14.52
CA GLN F 39 2.76 -36.63 -14.52
C GLN F 39 2.67 -35.17 -14.98
N ALA F 40 3.00 -34.26 -14.07
CA ALA F 40 2.96 -32.84 -14.37
C ALA F 40 4.35 -32.39 -14.85
N PRO F 41 4.44 -31.26 -15.58
CA PRO F 41 5.73 -30.83 -16.11
C PRO F 41 6.77 -30.84 -14.99
N GLY F 42 7.93 -31.43 -15.27
CA GLY F 42 9.09 -31.31 -14.41
C GLY F 42 9.07 -32.26 -13.22
N ASN F 43 8.09 -33.17 -13.17
CA ASN F 43 7.78 -33.93 -11.97
C ASN F 43 7.64 -35.43 -12.25
N VAL F 44 7.82 -36.25 -11.19
CA VAL F 44 7.63 -37.68 -11.29
C VAL F 44 6.14 -38.04 -11.35
N ARG F 45 5.85 -38.98 -12.24
CA ARG F 45 4.57 -39.64 -12.34
C ARG F 45 4.18 -40.27 -10.99
N ARG F 46 3.04 -39.83 -10.45
CA ARG F 46 2.50 -40.36 -9.21
C ARG F 46 1.14 -41.00 -9.48
N LEU F 47 0.82 -42.03 -8.70
CA LEU F 47 -0.48 -42.68 -8.73
C LEU F 47 -1.51 -41.68 -8.22
N VAL F 48 -2.71 -41.73 -8.80
CA VAL F 48 -3.75 -40.77 -8.49
C VAL F 48 -4.93 -41.51 -7.86
N ALA F 49 -5.29 -42.65 -8.47
CA ALA F 49 -6.36 -43.45 -7.95
C ALA F 49 -6.29 -44.85 -8.57
N ALA F 50 -6.79 -45.83 -7.81
CA ALA F 50 -6.64 -47.22 -8.21
C ALA F 50 -7.81 -48.04 -7.67
N ILE F 51 -8.23 -49.03 -8.46
CA ILE F 51 -9.38 -49.85 -8.14
C ILE F 51 -9.06 -51.35 -8.32
N SER F 52 -9.51 -52.18 -7.36
CA SER F 52 -9.30 -53.62 -7.42
C SER F 52 -10.29 -54.26 -8.37
N SER F 53 -10.14 -55.58 -8.61
CA SER F 53 -10.91 -56.33 -9.61
C SER F 53 -12.40 -56.33 -9.26
N ARG F 54 -12.69 -56.64 -7.99
CA ARG F 54 -14.07 -56.78 -7.55
C ARG F 54 -14.59 -55.47 -6.97
N GLY F 55 -13.78 -54.40 -7.09
CA GLY F 55 -14.22 -53.04 -6.83
C GLY F 55 -14.51 -52.76 -5.35
N ASP F 56 -14.13 -53.69 -4.47
CA ASP F 56 -14.35 -53.45 -3.06
C ASP F 56 -13.15 -52.72 -2.44
N ASN F 57 -12.08 -52.54 -3.22
CA ASN F 57 -10.92 -51.82 -2.71
C ASN F 57 -10.50 -50.73 -3.69
N THR F 58 -10.16 -49.55 -3.13
CA THR F 58 -9.56 -48.47 -3.89
C THR F 58 -8.40 -47.84 -3.14
N ASN F 59 -7.60 -47.07 -3.88
CA ASN F 59 -6.57 -46.18 -3.36
C ASN F 59 -6.74 -44.81 -4.03
N TYR F 60 -6.36 -43.76 -3.31
CA TYR F 60 -6.33 -42.39 -3.81
C TYR F 60 -5.08 -41.68 -3.28
N GLU F 61 -4.49 -40.78 -4.07
CA GLU F 61 -3.64 -39.73 -3.51
C GLU F 61 -4.40 -38.96 -2.42
N ASP F 62 -3.69 -38.54 -1.37
CA ASP F 62 -4.32 -37.78 -0.29
C ASP F 62 -5.11 -36.62 -0.87
N SER F 63 -4.47 -35.84 -1.74
CA SER F 63 -4.91 -34.52 -2.15
C SER F 63 -5.97 -34.54 -3.24
N VAL F 64 -6.36 -35.72 -3.72
CA VAL F 64 -7.45 -35.81 -4.69
C VAL F 64 -8.66 -36.56 -4.09
N ARG F 65 -8.47 -37.20 -2.93
CA ARG F 65 -9.53 -37.96 -2.30
C ARG F 65 -10.75 -37.05 -2.26
N GLY F 66 -11.93 -37.58 -2.55
CA GLY F 66 -13.16 -36.80 -2.46
C GLY F 66 -13.48 -36.04 -3.75
N ARG F 67 -12.48 -35.33 -4.27
CA ARG F 67 -12.68 -34.52 -5.46
C ARG F 67 -12.82 -35.43 -6.68
N PHE F 68 -12.15 -36.59 -6.65
CA PHE F 68 -12.05 -37.51 -7.77
C PHE F 68 -12.58 -38.88 -7.35
N THR F 69 -13.14 -39.61 -8.31
CA THR F 69 -13.72 -40.92 -8.07
C THR F 69 -13.31 -41.83 -9.24
N ILE F 70 -12.74 -43.00 -8.90
CA ILE F 70 -12.36 -44.00 -9.89
C ILE F 70 -13.45 -45.06 -9.96
N SER F 71 -13.68 -45.61 -11.15
CA SER F 71 -14.72 -46.61 -11.32
C SER F 71 -14.37 -47.50 -12.50
N ARG F 72 -14.97 -48.69 -12.57
CA ARG F 72 -14.67 -49.63 -13.62
C ARG F 72 -15.96 -50.18 -14.22
N ASP F 73 -15.95 -50.34 -15.55
CA ASP F 73 -16.96 -51.11 -16.24
C ASP F 73 -16.28 -52.35 -16.80
N ASN F 74 -16.57 -53.50 -16.17
CA ASN F 74 -15.97 -54.79 -16.51
C ASN F 74 -16.50 -55.27 -17.86
N ALA F 75 -17.82 -55.15 -18.03
CA ALA F 75 -18.48 -55.51 -19.27
C ALA F 75 -17.86 -54.72 -20.43
N GLU F 76 -17.36 -53.51 -20.17
CA GLU F 76 -16.98 -52.62 -21.25
C GLU F 76 -15.46 -52.51 -21.40
N ASN F 77 -14.72 -53.02 -20.42
CA ASN F 77 -13.26 -52.98 -20.44
C ASN F 77 -12.76 -51.55 -20.21
N THR F 78 -13.50 -50.78 -19.40
CA THR F 78 -13.09 -49.41 -19.11
C THR F 78 -12.87 -49.21 -17.61
N VAL F 79 -11.90 -48.34 -17.31
CA VAL F 79 -11.76 -47.68 -16.03
C VAL F 79 -11.99 -46.18 -16.25
N SER F 80 -12.66 -45.54 -15.29
CA SER F 80 -12.93 -44.12 -15.40
C SER F 80 -12.35 -43.34 -14.22
N LEU F 81 -12.05 -42.06 -14.47
CA LEU F 81 -11.80 -41.13 -13.39
C LEU F 81 -12.74 -39.94 -13.55
N GLN F 82 -13.71 -39.88 -12.63
CA GLN F 82 -14.64 -38.77 -12.52
C GLN F 82 -13.99 -37.74 -11.61
N MET F 83 -13.76 -36.55 -12.19
CA MET F 83 -13.15 -35.44 -11.47
C MET F 83 -14.26 -34.43 -11.18
N ASN F 84 -14.72 -34.41 -9.94
CA ASN F 84 -15.86 -33.59 -9.58
C ASN F 84 -15.47 -32.11 -9.55
N SER F 85 -14.27 -31.83 -9.03
CA SER F 85 -13.74 -30.48 -8.91
C SER F 85 -12.24 -30.52 -9.19
N LEU F 86 -11.78 -29.58 -10.02
CA LEU F 86 -10.39 -29.53 -10.43
C LEU F 86 -9.74 -28.26 -9.92
N LYS F 87 -8.41 -28.30 -9.78
CA LYS F 87 -7.67 -27.18 -9.25
C LYS F 87 -6.38 -27.09 -10.05
N PRO F 88 -5.63 -25.97 -10.00
CA PRO F 88 -4.34 -25.85 -10.71
C PRO F 88 -3.40 -27.04 -10.57
N GLU F 89 -3.28 -27.57 -9.34
CA GLU F 89 -2.40 -28.69 -9.01
C GLU F 89 -2.77 -29.97 -9.77
N ASP F 90 -4.00 -30.08 -10.30
CA ASP F 90 -4.41 -31.25 -11.06
C ASP F 90 -3.92 -31.21 -12.52
N THR F 91 -3.23 -30.14 -12.93
CA THR F 91 -2.69 -30.08 -14.28
C THR F 91 -1.56 -31.10 -14.45
N ALA F 92 -1.77 -32.03 -15.39
CA ALA F 92 -0.80 -33.07 -15.72
C ALA F 92 -1.33 -33.87 -16.91
N ILE F 93 -0.46 -34.72 -17.46
CA ILE F 93 -0.88 -35.79 -18.35
C ILE F 93 -1.37 -36.94 -17.48
N TYR F 94 -2.54 -37.48 -17.81
CA TYR F 94 -3.10 -38.59 -17.04
C TYR F 94 -2.86 -39.89 -17.81
N TYR F 95 -2.39 -40.92 -17.10
CA TYR F 95 -2.11 -42.17 -17.77
C TYR F 95 -2.83 -43.30 -17.04
N CYS F 96 -3.22 -44.31 -17.83
CA CYS F 96 -3.93 -45.50 -17.39
C CYS F 96 -2.91 -46.62 -17.19
N ASN F 97 -3.11 -47.45 -16.16
CA ASN F 97 -2.18 -48.49 -15.78
C ASN F 97 -2.92 -49.76 -15.37
N VAL F 98 -2.34 -50.91 -15.73
CA VAL F 98 -2.74 -52.23 -15.24
C VAL F 98 -1.79 -52.67 -14.11
N GLY F 99 -2.37 -53.30 -13.08
CA GLY F 99 -1.67 -53.89 -11.94
C GLY F 99 -2.59 -54.76 -11.07
N SER F 100 -2.31 -54.83 -9.76
CA SER F 100 -3.10 -55.67 -8.87
C SER F 100 -2.91 -55.26 -7.43
N PHE F 101 -3.87 -55.66 -6.59
CA PHE F 101 -3.92 -55.20 -5.21
C PHE F 101 -3.31 -56.25 -4.26
N TYR F 102 -2.57 -55.79 -3.26
CA TYR F 102 -2.18 -56.70 -2.20
C TYR F 102 -2.34 -56.00 -0.86
N ARG F 103 -3.07 -56.68 0.04
CA ARG F 103 -3.39 -56.20 1.39
C ARG F 103 -3.87 -54.76 1.34
N GLY F 104 -4.63 -54.43 0.30
CA GLY F 104 -5.31 -53.15 0.24
C GLY F 104 -4.60 -52.13 -0.63
N ASN F 105 -3.31 -52.36 -0.90
CA ASN F 105 -2.51 -51.43 -1.68
C ASN F 105 -2.39 -51.92 -3.12
N TYR F 106 -2.43 -50.97 -4.07
CA TYR F 106 -2.28 -51.23 -5.48
C TYR F 106 -0.79 -51.31 -5.81
N TYR F 107 -0.45 -52.21 -6.75
CA TYR F 107 0.90 -52.44 -7.23
C TYR F 107 0.82 -52.38 -8.75
N GLY F 108 1.61 -51.49 -9.35
CA GLY F 108 1.45 -51.22 -10.78
C GLY F 108 2.46 -51.96 -11.66
N GLY F 109 1.98 -52.28 -12.86
CA GLY F 109 2.79 -52.87 -13.91
C GLY F 109 3.40 -51.79 -14.79
N SER F 110 3.77 -52.16 -16.02
CA SER F 110 4.52 -51.28 -16.91
C SER F 110 3.71 -50.99 -18.16
N SER F 111 2.41 -51.33 -18.12
CA SER F 111 1.50 -51.01 -19.19
C SER F 111 0.93 -49.60 -19.01
N TRP F 112 1.09 -48.76 -20.05
CA TRP F 112 0.64 -47.37 -20.05
C TRP F 112 0.02 -47.09 -21.41
N GLY F 113 -0.95 -46.18 -21.47
CA GLY F 113 -1.38 -45.64 -22.74
C GLY F 113 -0.65 -44.33 -22.99
N GLN F 114 -0.92 -43.68 -24.14
CA GLN F 114 -0.26 -42.44 -24.52
C GLN F 114 -0.67 -41.27 -23.60
N GLY F 115 -1.84 -41.42 -22.96
CA GLY F 115 -2.28 -40.48 -21.93
C GLY F 115 -3.11 -39.34 -22.51
N THR F 116 -3.88 -38.67 -21.65
CA THR F 116 -4.74 -37.56 -22.01
C THR F 116 -4.39 -36.35 -21.14
N GLN F 117 -4.09 -35.20 -21.75
CA GLN F 117 -3.64 -33.99 -21.07
C GLN F 117 -4.82 -33.30 -20.36
N VAL F 118 -4.59 -32.81 -19.14
CA VAL F 118 -5.58 -32.03 -18.40
C VAL F 118 -4.91 -30.73 -17.99
N THR F 119 -5.61 -29.62 -18.25
CA THR F 119 -5.14 -28.28 -17.92
C THR F 119 -6.22 -27.52 -17.15
N VAL F 120 -5.78 -26.85 -16.08
CA VAL F 120 -6.64 -26.05 -15.24
C VAL F 120 -6.11 -24.62 -15.26
N SER F 121 -6.90 -23.74 -15.87
CA SER F 121 -6.46 -22.41 -16.25
C SER F 121 -7.53 -21.40 -15.85
N SER F 122 -7.14 -20.11 -15.85
CA SER F 122 -8.02 -18.99 -15.58
C SER F 122 -8.38 -18.33 -16.90
N HIS F 123 -9.15 -17.23 -16.83
CA HIS F 123 -9.33 -16.39 -18.00
C HIS F 123 -8.40 -15.18 -17.97
N HIS F 124 -7.30 -15.31 -17.22
CA HIS F 124 -6.21 -14.33 -17.22
C HIS F 124 -4.85 -15.03 -17.27
N HIS F 125 -4.24 -14.99 -18.46
CA HIS F 125 -2.85 -15.34 -18.71
C HIS F 125 -2.41 -16.50 -17.78
N GLU G 74 -37.60 51.86 12.33
CA GLU G 74 -36.13 52.05 12.19
C GLU G 74 -35.64 51.19 11.04
N GLY G 75 -34.62 51.67 10.32
CA GLY G 75 -33.96 50.92 9.26
C GLY G 75 -32.46 50.80 9.54
N LEU G 76 -31.66 50.89 8.47
CA LEU G 76 -30.21 50.80 8.55
C LEU G 76 -29.63 52.00 9.27
N PRO G 77 -28.77 51.79 10.30
CA PRO G 77 -28.12 52.91 10.99
C PRO G 77 -27.15 53.69 10.10
N LEU G 78 -27.16 55.01 10.29
CA LEU G 78 -26.19 55.86 9.63
C LEU G 78 -25.11 56.21 10.64
N VAL G 79 -23.88 55.77 10.35
CA VAL G 79 -22.79 55.98 11.28
C VAL G 79 -21.86 57.06 10.72
N GLY G 80 -21.68 58.10 11.55
CA GLY G 80 -21.09 59.37 11.16
C GLY G 80 -19.63 59.47 11.59
N ARG G 81 -19.36 60.44 12.49
CA ARG G 81 -18.00 60.68 12.95
C ARG G 81 -17.60 59.56 13.91
N VAL G 82 -16.37 59.05 13.71
CA VAL G 82 -15.86 57.89 14.42
C VAL G 82 -14.76 58.34 15.39
N ALA G 83 -15.19 58.66 16.63
CA ALA G 83 -14.32 59.01 17.74
C ALA G 83 -13.14 58.04 17.77
N ALA G 84 -11.93 58.60 17.79
CA ALA G 84 -10.70 57.83 17.66
C ALA G 84 -10.78 56.59 18.53
N GLY G 85 -10.66 55.42 17.88
CA GLY G 85 -10.56 54.13 18.53
C GLY G 85 -11.85 53.68 19.21
N GLU G 86 -12.98 54.23 18.78
CA GLU G 86 -14.26 53.78 19.30
C GLU G 86 -14.84 52.73 18.37
N PRO G 87 -15.80 51.89 18.84
CA PRO G 87 -16.48 50.93 17.96
C PRO G 87 -17.26 51.72 16.93
N LEU G 88 -17.46 51.13 15.75
CA LEU G 88 -18.27 51.78 14.73
C LEU G 88 -19.62 52.10 15.33
N LEU G 89 -20.33 51.06 15.77
CA LEU G 89 -21.75 51.18 16.01
C LEU G 89 -22.08 51.36 17.49
N ALA G 90 -21.24 52.12 18.20
CA ALA G 90 -21.62 52.71 19.47
C ALA G 90 -22.77 53.70 19.26
N GLN G 91 -23.55 53.96 20.31
CA GLN G 91 -24.75 54.79 20.21
C GLN G 91 -24.40 56.20 19.71
N GLN G 92 -23.40 56.81 20.33
CA GLN G 92 -23.05 58.20 20.08
C GLN G 92 -22.80 58.48 18.60
N HIS G 93 -22.35 57.46 17.85
CA HIS G 93 -21.89 57.66 16.48
C HIS G 93 -23.05 57.67 15.49
N ILE G 94 -24.18 57.07 15.89
CA ILE G 94 -25.39 56.94 15.08
C ILE G 94 -26.08 58.31 15.00
N GLU G 95 -26.58 58.64 13.80
CA GLU G 95 -27.26 59.90 13.61
C GLU G 95 -28.50 59.71 12.73
N GLY G 96 -29.14 58.54 12.82
CA GLY G 96 -30.42 58.32 12.16
C GLY G 96 -30.43 57.04 11.33
N HIS G 97 -31.60 56.71 10.78
CA HIS G 97 -31.85 55.43 10.12
C HIS G 97 -32.58 55.67 8.80
N TYR G 98 -32.51 54.70 7.88
CA TYR G 98 -33.19 54.80 6.59
C TYR G 98 -33.73 53.43 6.17
N GLN G 99 -35.05 53.32 6.03
CA GLN G 99 -35.61 52.05 5.59
C GLN G 99 -35.03 51.71 4.22
N VAL G 100 -34.30 50.59 4.12
CA VAL G 100 -33.64 50.24 2.87
C VAL G 100 -33.85 48.77 2.57
N ASP G 101 -34.25 48.51 1.32
CA ASP G 101 -34.72 47.23 0.83
C ASP G 101 -33.59 46.20 0.90
N PRO G 102 -33.84 45.00 1.49
CA PRO G 102 -32.83 43.95 1.62
C PRO G 102 -32.22 43.48 0.30
N SER G 103 -33.03 43.47 -0.75
CA SER G 103 -32.63 42.88 -2.01
C SER G 103 -31.76 43.86 -2.80
N LEU G 104 -31.63 45.08 -2.29
CA LEU G 104 -30.77 46.06 -2.94
C LEU G 104 -29.35 45.53 -3.01
N PHE G 105 -28.71 45.41 -1.83
CA PHE G 105 -27.30 45.06 -1.75
C PHE G 105 -27.13 43.60 -1.37
N LYS G 106 -26.16 42.95 -2.02
CA LYS G 106 -25.81 41.56 -1.75
C LYS G 106 -24.29 41.41 -1.70
N PRO G 107 -23.72 40.81 -0.63
CA PRO G 107 -24.50 40.41 0.55
C PRO G 107 -25.21 41.55 1.25
N ASN G 108 -26.11 41.18 2.17
CA ASN G 108 -26.95 42.06 2.95
C ASN G 108 -26.13 43.20 3.57
N ALA G 109 -26.79 44.33 3.83
CA ALA G 109 -26.16 45.50 4.41
C ALA G 109 -26.52 45.61 5.89
N ASP G 110 -25.52 45.86 6.74
CA ASP G 110 -25.86 46.00 8.15
C ASP G 110 -25.92 47.47 8.57
N PHE G 111 -25.07 48.31 7.98
CA PHE G 111 -25.13 49.73 8.29
C PHE G 111 -24.65 50.52 7.08
N LEU G 112 -24.97 51.83 7.06
CA LEU G 112 -24.39 52.77 6.12
C LEU G 112 -23.40 53.66 6.88
N LEU G 113 -22.24 53.91 6.26
CA LEU G 113 -21.12 54.56 6.92
C LEU G 113 -20.63 55.71 6.04
N ARG G 114 -20.56 56.92 6.62
CA ARG G 114 -20.19 58.07 5.83
C ARG G 114 -18.72 57.94 5.47
N VAL G 115 -18.41 58.19 4.18
CA VAL G 115 -17.05 58.07 3.68
C VAL G 115 -16.33 59.39 3.91
N SER G 116 -15.07 59.31 4.35
CA SER G 116 -14.23 60.49 4.47
C SER G 116 -13.21 60.53 3.36
N GLY G 117 -13.25 61.62 2.57
CA GLY G 117 -12.17 62.00 1.69
C GLY G 117 -12.25 61.32 0.34
N MET G 118 -11.22 61.53 -0.51
CA MET G 118 -11.29 61.17 -1.92
C MET G 118 -10.31 60.05 -2.27
N SER G 119 -9.97 59.17 -1.31
CA SER G 119 -9.05 58.08 -1.61
C SER G 119 -9.68 57.05 -2.55
N MET G 120 -11.01 56.99 -2.60
CA MET G 120 -11.68 56.05 -3.49
C MET G 120 -12.42 56.80 -4.59
N LYS G 121 -11.90 57.96 -4.98
CA LYS G 121 -12.58 58.88 -5.90
C LYS G 121 -12.91 58.15 -7.21
N ASP G 122 -11.95 57.38 -7.74
CA ASP G 122 -11.95 56.95 -9.13
C ASP G 122 -12.85 55.75 -9.37
N ILE G 123 -13.49 55.24 -8.32
CA ILE G 123 -14.52 54.24 -8.52
C ILE G 123 -15.86 54.80 -8.04
N GLY G 124 -15.83 56.09 -7.68
CA GLY G 124 -17.07 56.82 -7.45
C GLY G 124 -17.47 56.87 -5.97
N ILE G 125 -16.53 56.53 -5.08
CA ILE G 125 -16.82 56.67 -3.67
C ILE G 125 -16.23 58.00 -3.22
N MET G 126 -17.07 59.04 -3.31
CA MET G 126 -16.70 60.41 -3.05
C MET G 126 -16.91 60.72 -1.58
N ASP G 127 -16.02 61.54 -1.01
CA ASP G 127 -16.24 62.04 0.34
C ASP G 127 -17.71 62.39 0.50
N GLY G 128 -18.34 61.87 1.55
CA GLY G 128 -19.70 62.26 1.90
C GLY G 128 -20.76 61.21 1.57
N ASP G 129 -20.45 60.31 0.64
CA ASP G 129 -21.32 59.20 0.25
C ASP G 129 -21.57 58.32 1.48
N LEU G 130 -22.67 57.55 1.46
CA LEU G 130 -22.93 56.54 2.48
C LEU G 130 -22.63 55.15 1.91
N LEU G 131 -21.58 54.52 2.45
CA LEU G 131 -21.11 53.21 2.05
C LEU G 131 -21.95 52.13 2.74
N ALA G 132 -22.45 51.17 1.93
CA ALA G 132 -23.22 50.04 2.44
C ALA G 132 -22.28 48.93 2.86
N VAL G 133 -22.33 48.56 4.14
CA VAL G 133 -21.32 47.68 4.71
C VAL G 133 -22.00 46.42 5.23
N HIS G 134 -21.62 45.27 4.66
CA HIS G 134 -22.01 43.98 5.18
C HIS G 134 -21.11 43.63 6.36
N LYS G 135 -21.71 43.45 7.55
CA LYS G 135 -20.98 43.07 8.74
C LYS G 135 -20.43 41.66 8.55
N THR G 136 -19.10 41.56 8.37
CA THR G 136 -18.38 40.32 8.15
C THR G 136 -16.91 40.50 8.56
N GLN G 137 -16.23 39.40 8.89
CA GLN G 137 -14.78 39.46 9.00
C GLN G 137 -14.13 38.53 7.97
N ASP G 138 -14.93 38.07 7.01
CA ASP G 138 -14.45 37.23 5.92
C ASP G 138 -14.54 38.02 4.62
N VAL G 139 -13.40 38.22 3.98
CA VAL G 139 -13.24 39.17 2.89
C VAL G 139 -12.02 38.72 2.10
N ARG G 140 -12.00 38.97 0.80
CA ARG G 140 -10.96 38.40 -0.05
C ARG G 140 -10.12 39.51 -0.65
N ASN G 141 -8.87 39.19 -1.01
CA ASN G 141 -8.06 40.05 -1.85
C ASN G 141 -8.90 40.63 -2.99
N GLY G 142 -8.75 41.95 -3.21
CA GLY G 142 -9.41 42.61 -4.32
C GLY G 142 -10.75 43.24 -3.94
N GLN G 143 -11.25 42.92 -2.74
CA GLN G 143 -12.50 43.46 -2.26
C GLN G 143 -12.26 44.80 -1.55
N VAL G 144 -13.18 45.75 -1.75
CA VAL G 144 -13.23 46.95 -0.93
C VAL G 144 -13.81 46.58 0.44
N VAL G 145 -13.00 46.84 1.47
CA VAL G 145 -13.26 46.40 2.82
C VAL G 145 -13.22 47.62 3.71
N VAL G 146 -13.83 47.50 4.88
CA VAL G 146 -13.69 48.48 5.94
C VAL G 146 -12.80 47.84 6.97
N ALA G 147 -11.66 48.48 7.26
CA ALA G 147 -10.60 47.89 8.05
C ALA G 147 -10.13 48.85 9.13
N ARG G 148 -9.67 48.28 10.24
CA ARG G 148 -9.25 49.05 11.40
C ARG G 148 -7.74 48.89 11.57
N ILE G 149 -7.02 50.01 11.49
CA ILE G 149 -5.60 50.00 11.79
C ILE G 149 -5.37 50.89 13.00
N ASP G 150 -5.18 50.26 14.17
CA ASP G 150 -5.09 50.91 15.47
C ASP G 150 -6.35 51.73 15.70
N ASP G 151 -6.17 53.04 15.76
CA ASP G 151 -7.23 53.99 16.11
C ASP G 151 -8.11 54.28 14.90
N GLU G 152 -7.58 54.08 13.70
CA GLU G 152 -8.27 54.56 12.52
C GLU G 152 -9.12 53.45 11.90
N VAL G 153 -10.28 53.82 11.35
CA VAL G 153 -11.07 52.98 10.47
C VAL G 153 -10.93 53.50 9.04
N THR G 154 -10.74 52.62 8.06
CA THR G 154 -10.55 53.10 6.69
C THR G 154 -11.36 52.27 5.68
N VAL G 155 -11.47 52.80 4.46
CA VAL G 155 -12.15 52.11 3.36
C VAL G 155 -11.20 52.00 2.18
N LYS G 156 -10.72 50.77 1.94
CA LYS G 156 -9.73 50.53 0.90
C LYS G 156 -9.96 49.21 0.19
N ARG G 157 -9.11 48.97 -0.82
CA ARG G 157 -9.10 47.71 -1.54
C ARG G 157 -7.98 46.84 -0.97
N LEU G 158 -8.30 45.57 -0.65
CA LEU G 158 -7.45 44.71 0.17
C LEU G 158 -6.41 44.02 -0.71
N LYS G 159 -5.20 43.85 -0.16
CA LYS G 159 -4.20 43.01 -0.78
C LYS G 159 -3.31 42.39 0.32
N LYS G 160 -3.80 41.30 0.91
CA LYS G 160 -3.10 40.56 1.96
C LYS G 160 -1.94 39.81 1.32
N GLN G 161 -0.76 39.88 1.95
CA GLN G 161 0.42 39.13 1.49
C GLN G 161 1.20 38.63 2.71
N GLY G 162 0.79 37.49 3.27
CA GLY G 162 1.42 36.94 4.46
C GLY G 162 1.25 37.87 5.66
N ASN G 163 2.38 38.40 6.16
CA ASN G 163 2.38 39.35 7.26
C ASN G 163 2.38 40.78 6.74
N LYS G 164 2.30 40.94 5.40
CA LYS G 164 2.21 42.21 4.70
C LYS G 164 0.77 42.39 4.19
N VAL G 165 0.10 43.46 4.65
CA VAL G 165 -1.26 43.76 4.19
C VAL G 165 -1.29 45.15 3.57
N GLU G 166 -1.50 45.21 2.25
CA GLU G 166 -1.65 46.46 1.54
C GLU G 166 -3.13 46.83 1.44
N LEU G 167 -3.45 48.08 1.77
CA LEU G 167 -4.78 48.59 1.52
C LEU G 167 -4.67 49.65 0.43
N LEU G 168 -5.41 49.47 -0.68
CA LEU G 168 -5.14 50.24 -1.88
C LEU G 168 -6.18 51.34 -2.07
N PRO G 169 -5.75 52.61 -2.26
CA PRO G 169 -6.62 53.69 -2.73
C PRO G 169 -7.07 53.49 -4.17
N GLU G 170 -8.10 54.25 -4.55
CA GLU G 170 -8.59 54.36 -5.92
C GLU G 170 -8.48 55.78 -6.48
N ASN G 171 -7.29 56.35 -6.38
CA ASN G 171 -7.03 57.76 -6.58
C ASN G 171 -5.52 57.96 -6.69
N SER G 172 -5.04 58.22 -7.92
CA SER G 172 -3.61 58.20 -8.24
C SER G 172 -2.79 59.16 -7.35
N GLU G 173 -3.46 60.09 -6.67
CA GLU G 173 -2.81 61.08 -5.82
C GLU G 173 -2.75 60.57 -4.37
N PHE G 174 -2.88 59.25 -4.18
CA PHE G 174 -2.77 58.64 -2.86
C PHE G 174 -1.85 57.42 -2.94
N LYS G 175 -1.09 57.16 -1.86
CA LYS G 175 -0.18 56.03 -1.86
C LYS G 175 -0.82 54.88 -1.12
N PRO G 176 -0.67 53.62 -1.60
CA PRO G 176 -1.02 52.43 -0.81
C PRO G 176 -0.49 52.46 0.61
N ILE G 177 -1.36 52.15 1.58
CA ILE G 177 -0.97 51.97 2.96
C ILE G 177 -0.48 50.54 3.16
N VAL G 178 0.72 50.39 3.71
CA VAL G 178 1.31 49.07 3.95
C VAL G 178 1.22 48.77 5.44
N VAL G 179 0.65 47.61 5.78
CA VAL G 179 0.41 47.27 7.17
C VAL G 179 1.28 46.06 7.54
N ASP G 180 1.94 46.15 8.69
CA ASP G 180 2.74 45.04 9.21
C ASP G 180 1.97 44.48 10.40
N LEU G 181 1.52 43.24 10.25
CA LEU G 181 0.59 42.66 11.21
C LEU G 181 1.26 42.44 12.56
N ARG G 182 2.60 42.41 12.58
CA ARG G 182 3.34 42.24 13.82
C ARG G 182 3.47 43.56 14.60
N GLN G 183 3.26 44.69 13.91
CA GLN G 183 3.59 45.96 14.54
C GLN G 183 2.33 46.75 14.85
N GLN G 184 1.26 46.52 14.10
CA GLN G 184 0.01 47.23 14.32
C GLN G 184 -1.12 46.22 14.46
N SER G 185 -2.14 46.53 15.27
CA SER G 185 -3.34 45.72 15.21
C SER G 185 -4.13 46.07 13.96
N PHE G 186 -4.66 45.02 13.33
CA PHE G 186 -5.39 45.07 12.07
C PHE G 186 -6.57 44.10 12.15
N THR G 187 -7.77 44.60 11.86
CA THR G 187 -9.00 43.83 11.94
C THR G 187 -9.98 44.30 10.87
N ILE G 188 -10.87 43.40 10.45
CA ILE G 188 -11.80 43.72 9.39
C ILE G 188 -13.17 44.00 10.00
N GLU G 189 -13.69 45.21 9.73
CA GLU G 189 -14.99 45.62 10.25
C GLU G 189 -16.11 45.11 9.35
N GLY G 190 -15.82 44.95 8.05
CA GLY G 190 -16.86 44.47 7.16
C GLY G 190 -16.50 44.63 5.69
N LEU G 191 -17.47 44.37 4.80
CA LEU G 191 -17.30 44.46 3.35
C LEU G 191 -18.22 45.53 2.78
N ALA G 192 -17.71 46.30 1.82
CA ALA G 192 -18.46 47.33 1.12
C ALA G 192 -19.31 46.71 0.02
N VAL G 193 -20.64 46.85 0.12
CA VAL G 193 -21.53 46.17 -0.80
C VAL G 193 -22.30 47.18 -1.64
N GLY G 194 -22.08 48.49 -1.43
CA GLY G 194 -22.70 49.46 -2.32
C GLY G 194 -22.61 50.87 -1.76
N VAL G 195 -23.00 51.88 -2.57
N VAL G 195 -23.04 51.85 -2.57
CA VAL G 195 -22.97 53.25 -2.08
CA VAL G 195 -23.00 53.25 -2.13
C VAL G 195 -24.32 53.93 -2.37
C VAL G 195 -24.35 53.91 -2.36
N ILE G 196 -24.75 54.76 -1.41
CA ILE G 196 -25.88 55.68 -1.54
C ILE G 196 -25.34 57.10 -1.36
N ARG G 197 -25.50 57.95 -2.40
CA ARG G 197 -25.15 59.35 -2.33
C ARG G 197 -26.43 60.19 -2.36
N ASN G 198 -26.55 61.14 -1.43
CA ASN G 198 -27.82 61.80 -1.21
C ASN G 198 -27.66 63.20 -0.62
N GLY G 199 -26.67 63.99 -1.08
CA GLY G 199 -26.56 65.38 -0.65
C GLY G 199 -27.70 66.29 -1.16
N ASP G 200 -27.49 67.61 -1.03
CA ASP G 200 -28.49 68.61 -1.41
C ASP G 200 -28.32 68.99 -2.88
N TRP G 201 -27.16 68.64 -3.45
CA TRP G 201 -26.80 69.12 -4.78
C TRP G 201 -25.77 68.21 -5.43
N LEU G 202 -26.18 67.52 -6.51
CA LEU G 202 -25.30 66.61 -7.23
C LEU G 202 -24.30 67.36 -8.12
N GLN H 1 -8.20 56.03 28.22
CA GLN H 1 -7.25 55.26 29.09
C GLN H 1 -8.00 54.09 29.71
N VAL H 2 -8.03 52.98 28.97
CA VAL H 2 -8.47 51.69 29.45
C VAL H 2 -7.25 50.77 29.55
N GLN H 3 -7.21 49.96 30.61
CA GLN H 3 -6.13 49.01 30.85
C GLN H 3 -6.68 47.59 30.74
N LEU H 4 -6.06 46.78 29.87
CA LEU H 4 -6.45 45.39 29.68
C LEU H 4 -5.24 44.48 29.84
N VAL H 5 -5.33 43.49 30.74
CA VAL H 5 -4.28 42.50 30.81
C VAL H 5 -4.86 41.08 30.65
N GLU H 6 -4.28 40.34 29.68
CA GLU H 6 -4.60 38.94 29.42
C GLU H 6 -3.56 38.04 30.08
N SER H 7 -4.06 36.97 30.69
CA SER H 7 -3.24 35.94 31.33
C SER H 7 -3.77 34.56 30.97
N GLY H 8 -2.95 33.53 31.24
CA GLY H 8 -3.43 32.15 31.29
C GLY H 8 -3.06 31.32 30.06
N GLY H 9 -2.41 31.97 29.08
CA GLY H 9 -1.83 31.29 27.92
C GLY H 9 -0.77 30.28 28.34
N GLY H 10 -0.38 29.43 27.39
CA GLY H 10 0.68 28.46 27.62
C GLY H 10 0.78 27.48 26.47
N VAL H 11 1.43 26.34 26.74
CA VAL H 11 1.54 25.25 25.79
C VAL H 11 0.71 24.09 26.32
N VAL H 12 -0.23 23.60 25.52
CA VAL H 12 -1.14 22.53 25.92
C VAL H 12 -1.24 21.52 24.77
N GLN H 13 -1.73 20.30 25.08
CA GLN H 13 -1.77 19.30 24.03
C GLN H 13 -3.14 19.26 23.36
N ALA H 14 -3.13 18.81 22.11
CA ALA H 14 -4.37 18.62 21.37
C ALA H 14 -5.39 17.93 22.29
N GLY H 15 -6.63 18.44 22.32
CA GLY H 15 -7.68 17.87 23.15
C GLY H 15 -7.74 18.47 24.56
N GLY H 16 -6.68 19.19 24.96
CA GLY H 16 -6.59 19.74 26.30
C GLY H 16 -7.39 21.04 26.47
N SER H 17 -7.42 21.54 27.72
CA SER H 17 -8.19 22.71 28.08
C SER H 17 -7.29 23.83 28.56
N LEU H 18 -7.72 25.08 28.29
CA LEU H 18 -7.03 26.26 28.77
C LEU H 18 -8.08 27.30 29.16
N ARG H 19 -7.82 28.05 30.22
CA ARG H 19 -8.71 29.16 30.56
C ARG H 19 -7.94 30.47 30.55
N LEU H 20 -8.29 31.34 29.60
CA LEU H 20 -7.79 32.71 29.54
C LEU H 20 -8.68 33.62 30.39
N SER H 21 -8.07 34.65 31.00
CA SER H 21 -8.78 35.69 31.73
C SER H 21 -8.26 37.06 31.32
N CYS H 22 -9.04 38.10 31.63
CA CYS H 22 -8.67 39.43 31.19
C CYS H 22 -9.03 40.46 32.26
N ALA H 23 -8.01 41.05 32.89
CA ALA H 23 -8.19 42.09 33.88
C ALA H 23 -8.42 43.44 33.19
N ALA H 24 -9.63 43.97 33.36
CA ALA H 24 -10.00 45.25 32.74
C ALA H 24 -9.96 46.37 33.78
N SER H 25 -9.43 47.52 33.39
CA SER H 25 -9.37 48.70 34.28
C SER H 25 -9.54 49.91 33.37
N GLY H 26 -9.84 51.09 33.92
CA GLY H 26 -9.89 52.30 33.08
C GLY H 26 -11.29 52.74 32.74
N SER H 27 -12.21 51.80 32.54
CA SER H 27 -13.57 52.17 32.13
C SER H 27 -14.59 51.37 32.94
N ILE H 28 -15.81 51.86 32.96
CA ILE H 28 -16.89 51.10 33.63
C ILE H 28 -17.11 49.84 32.79
N PHE H 29 -16.65 48.71 33.32
CA PHE H 29 -16.83 47.38 32.73
C PHE H 29 -18.31 47.09 32.47
N SER H 30 -19.18 47.41 33.43
CA SER H 30 -20.63 47.09 33.32
C SER H 30 -21.20 47.68 32.05
N SER H 31 -20.54 48.70 31.53
CA SER H 31 -21.08 49.45 30.41
C SER H 31 -20.65 48.81 29.10
N ASN H 32 -19.41 48.29 29.09
CA ASN H 32 -18.78 47.80 27.88
C ASN H 32 -19.17 46.35 27.62
N ALA H 33 -19.38 46.02 26.34
CA ALA H 33 -19.26 44.65 25.82
C ALA H 33 -17.77 44.30 25.68
N MET H 34 -17.45 42.99 25.65
CA MET H 34 -16.06 42.54 25.64
C MET H 34 -15.90 41.36 24.69
N ALA H 35 -14.67 41.20 24.16
CA ALA H 35 -14.38 40.14 23.20
C ALA H 35 -12.98 39.55 23.36
N TRP H 36 -12.82 38.33 22.80
CA TRP H 36 -11.54 37.67 22.62
C TRP H 36 -11.22 37.61 21.13
N TYR H 37 -10.00 38.04 20.77
CA TYR H 37 -9.50 37.92 19.40
C TYR H 37 -8.21 37.09 19.43
N ARG H 38 -7.79 36.59 18.26
CA ARG H 38 -6.54 35.86 18.19
C ARG H 38 -5.85 36.13 16.86
N GLN H 39 -4.52 35.98 16.85
CA GLN H 39 -3.73 36.27 15.68
C GLN H 39 -2.64 35.21 15.53
N ALA H 40 -2.86 34.30 14.57
CA ALA H 40 -1.94 33.23 14.24
C ALA H 40 -0.80 33.80 13.40
N PRO H 41 0.39 33.16 13.36
CA PRO H 41 1.51 33.65 12.56
C PRO H 41 1.13 33.85 11.10
N GLY H 42 1.66 34.94 10.51
CA GLY H 42 1.39 35.34 9.14
C GLY H 42 -0.10 35.53 8.82
N ASN H 43 -0.90 35.91 9.83
CA ASN H 43 -2.34 35.87 9.68
C ASN H 43 -3.04 37.05 10.35
N VAL H 44 -4.25 37.36 9.88
CA VAL H 44 -5.00 38.52 10.34
C VAL H 44 -5.64 38.20 11.67
N ARG H 45 -5.58 39.14 12.63
CA ARG H 45 -6.22 38.99 13.92
C ARG H 45 -7.73 38.86 13.73
N ARG H 46 -8.36 37.83 14.30
CA ARG H 46 -9.78 37.59 14.09
C ARG H 46 -10.51 37.54 15.43
N LEU H 47 -11.80 37.92 15.43
CA LEU H 47 -12.65 37.79 16.60
C LEU H 47 -12.94 36.33 16.86
N VAL H 48 -12.81 35.92 18.12
CA VAL H 48 -12.96 34.52 18.48
C VAL H 48 -14.30 34.36 19.18
N ALA H 49 -14.55 35.25 20.13
CA ALA H 49 -15.79 35.22 20.88
C ALA H 49 -16.07 36.61 21.44
N ALA H 50 -17.35 36.91 21.69
CA ALA H 50 -17.77 38.20 22.20
C ALA H 50 -18.98 38.06 23.13
N ILE H 51 -19.06 38.95 24.11
CA ILE H 51 -20.12 38.93 25.10
C ILE H 51 -20.75 40.33 25.25
N SER H 52 -22.09 40.35 25.32
CA SER H 52 -22.86 41.58 25.49
C SER H 52 -22.53 42.24 26.82
N SER H 53 -23.03 43.48 26.99
CA SER H 53 -22.77 44.33 28.14
C SER H 53 -23.21 43.64 29.43
N ARG H 54 -24.53 43.39 29.53
CA ARG H 54 -25.13 42.66 30.63
C ARG H 54 -24.64 41.22 30.61
N GLY H 55 -24.38 40.68 29.40
CA GLY H 55 -23.85 39.34 29.25
C GLY H 55 -24.95 38.31 28.98
N ASP H 56 -25.82 38.63 28.02
CA ASP H 56 -26.92 37.77 27.60
C ASP H 56 -26.70 37.36 26.16
N ASN H 57 -25.84 38.10 25.45
CA ASN H 57 -25.62 37.94 24.02
C ASN H 57 -24.18 37.50 23.76
N THR H 58 -24.06 36.46 22.92
CA THR H 58 -22.77 35.98 22.52
C THR H 58 -22.65 36.11 21.01
N ASN H 59 -21.40 36.32 20.56
CA ASN H 59 -20.96 35.89 19.25
C ASN H 59 -19.79 34.95 19.51
N TYR H 60 -19.68 33.91 18.67
CA TYR H 60 -18.50 33.07 18.58
C TYR H 60 -18.16 33.00 17.11
N GLU H 61 -16.88 32.78 16.79
CA GLU H 61 -16.54 32.34 15.44
C GLU H 61 -17.01 30.90 15.31
N ASP H 62 -17.13 30.41 14.07
CA ASP H 62 -17.65 29.08 13.81
C ASP H 62 -16.63 28.00 14.17
N SER H 63 -15.36 28.22 13.82
CA SER H 63 -14.27 27.26 14.04
C SER H 63 -14.16 26.84 15.50
N VAL H 64 -14.87 27.54 16.40
CA VAL H 64 -14.63 27.43 17.83
C VAL H 64 -15.93 27.17 18.60
N ARG H 65 -17.08 27.12 17.90
CA ARG H 65 -18.36 27.09 18.60
C ARG H 65 -18.53 25.78 19.40
N GLY H 66 -19.05 25.92 20.62
CA GLY H 66 -19.26 24.82 21.55
C GLY H 66 -17.96 24.20 22.09
N ARG H 67 -16.81 24.60 21.53
CA ARG H 67 -15.50 24.25 22.04
C ARG H 67 -15.07 25.29 23.07
N PHE H 68 -15.18 26.57 22.67
CA PHE H 68 -14.76 27.71 23.47
C PHE H 68 -16.00 28.34 24.11
N THR H 69 -15.83 28.98 25.28
CA THR H 69 -16.99 29.59 25.95
C THR H 69 -16.60 30.91 26.59
N ILE H 70 -17.16 32.02 26.10
CA ILE H 70 -16.87 33.30 26.72
C ILE H 70 -17.80 33.50 27.91
N SER H 71 -17.34 34.27 28.92
CA SER H 71 -18.08 34.61 30.12
C SER H 71 -17.45 35.83 30.77
N ARG H 72 -18.13 36.48 31.72
CA ARG H 72 -17.59 37.70 32.30
C ARG H 72 -18.02 37.83 33.76
N ASP H 73 -17.24 38.60 34.52
CA ASP H 73 -17.55 38.90 35.90
C ASP H 73 -17.39 40.41 36.14
N ASN H 74 -18.53 41.07 36.36
CA ASN H 74 -18.59 42.51 36.41
C ASN H 74 -18.02 43.03 37.72
N ALA H 75 -18.02 42.17 38.76
CA ALA H 75 -17.54 42.52 40.09
C ALA H 75 -16.03 42.73 40.10
N GLU H 76 -15.30 41.76 39.52
CA GLU H 76 -13.85 41.85 39.51
C GLU H 76 -13.35 42.30 38.14
N ASN H 77 -14.29 42.57 37.22
CA ASN H 77 -13.96 43.20 35.95
C ASN H 77 -13.07 42.27 35.14
N THR H 78 -13.56 41.04 34.90
CA THR H 78 -12.84 40.09 34.08
C THR H 78 -13.75 39.52 33.00
N VAL H 79 -13.12 38.97 31.97
CA VAL H 79 -13.79 38.19 30.94
C VAL H 79 -12.92 36.95 30.67
N SER H 80 -13.57 35.81 30.42
CA SER H 80 -12.85 34.55 30.33
C SER H 80 -13.23 33.77 29.08
N LEU H 81 -12.22 33.13 28.51
CA LEU H 81 -12.43 32.20 27.43
C LEU H 81 -11.97 30.83 27.93
N GLN H 82 -12.94 30.00 28.32
CA GLN H 82 -12.70 28.58 28.53
C GLN H 82 -12.59 27.90 27.17
N MET H 83 -11.41 27.34 26.89
CA MET H 83 -11.07 26.74 25.61
C MET H 83 -10.87 25.24 25.78
N ASN H 84 -11.87 24.44 25.37
CA ASN H 84 -11.78 22.98 25.44
C ASN H 84 -11.55 22.40 24.04
N SER H 85 -11.06 21.15 23.99
CA SER H 85 -10.77 20.43 22.76
C SER H 85 -10.02 21.31 21.77
N LEU H 86 -8.89 21.84 22.25
CA LEU H 86 -8.00 22.69 21.48
C LEU H 86 -7.46 21.85 20.33
N LYS H 87 -7.06 22.52 19.25
CA LYS H 87 -6.48 21.89 18.07
C LYS H 87 -5.26 22.70 17.67
N PRO H 88 -4.41 22.25 16.72
CA PRO H 88 -3.24 23.04 16.30
C PRO H 88 -3.60 24.39 15.69
N GLU H 89 -4.77 24.44 15.04
CA GLU H 89 -5.29 25.63 14.36
C GLU H 89 -5.60 26.75 15.35
N ASP H 90 -5.70 26.41 16.66
CA ASP H 90 -6.00 27.35 17.72
C ASP H 90 -4.75 28.08 18.19
N THR H 91 -3.58 27.71 17.64
CA THR H 91 -2.33 28.34 18.02
C THR H 91 -2.35 29.78 17.51
N ALA H 92 -2.17 30.73 18.45
CA ALA H 92 -2.21 32.16 18.17
C ALA H 92 -1.86 32.95 19.43
N ILE H 93 -1.64 34.25 19.23
CA ILE H 93 -1.62 35.21 20.33
C ILE H 93 -3.07 35.64 20.52
N TYR H 94 -3.53 35.55 21.77
CA TYR H 94 -4.90 35.92 22.10
C TYR H 94 -4.96 37.31 22.73
N TYR H 95 -5.88 38.14 22.23
CA TYR H 95 -6.03 39.52 22.68
C TYR H 95 -7.42 39.72 23.31
N CYS H 96 -7.45 40.60 24.32
CA CYS H 96 -8.67 41.08 24.94
C CYS H 96 -9.13 42.35 24.22
N ASN H 97 -10.45 42.50 24.01
CA ASN H 97 -10.96 43.68 23.32
C ASN H 97 -12.13 44.30 24.08
N VAL H 98 -12.18 45.63 24.06
CA VAL H 98 -13.34 46.37 24.57
C VAL H 98 -14.12 46.88 23.34
N GLY H 99 -15.44 46.63 23.34
CA GLY H 99 -16.27 47.00 22.21
C GLY H 99 -17.74 47.21 22.60
N SER H 100 -18.65 46.88 21.66
CA SER H 100 -20.07 47.14 21.85
C SER H 100 -20.92 46.27 20.94
N PHE H 101 -22.10 45.90 21.45
CA PHE H 101 -23.07 45.10 20.71
C PHE H 101 -24.03 46.02 19.95
N TYR H 102 -24.33 45.65 18.70
CA TYR H 102 -25.41 46.28 17.96
C TYR H 102 -26.12 45.24 17.09
N ARG H 103 -27.41 45.00 17.41
CA ARG H 103 -28.32 44.16 16.65
C ARG H 103 -27.79 42.73 16.63
N GLY H 104 -27.35 42.25 17.80
CA GLY H 104 -26.75 40.94 17.96
C GLY H 104 -25.39 40.78 17.26
N ASN H 105 -24.59 41.84 17.24
CA ASN H 105 -23.26 41.76 16.64
C ASN H 105 -22.26 42.56 17.47
N TYR H 106 -21.02 42.07 17.51
CA TYR H 106 -19.93 42.71 18.22
C TYR H 106 -19.17 43.66 17.28
N TYR H 107 -18.81 44.82 17.81
CA TYR H 107 -18.07 45.83 17.08
C TYR H 107 -16.91 46.26 17.96
N GLY H 108 -15.69 46.11 17.45
CA GLY H 108 -14.53 46.28 18.30
C GLY H 108 -14.09 47.74 18.42
N GLY H 109 -13.57 48.06 19.62
CA GLY H 109 -12.77 49.26 19.84
C GLY H 109 -11.31 49.02 19.43
N SER H 110 -10.45 50.00 19.73
CA SER H 110 -9.03 49.91 19.43
C SER H 110 -8.25 49.65 20.72
N SER H 111 -8.97 49.30 21.80
CA SER H 111 -8.35 48.98 23.06
C SER H 111 -7.97 47.50 23.13
N TRP H 112 -6.66 47.21 23.24
CA TRP H 112 -6.14 45.85 23.28
C TRP H 112 -5.23 45.66 24.49
N GLY H 113 -5.08 44.41 24.94
CA GLY H 113 -3.97 44.00 25.79
C GLY H 113 -2.71 43.74 24.97
N GLN H 114 -1.70 43.16 25.64
CA GLN H 114 -0.41 42.83 25.07
C GLN H 114 -0.48 41.41 24.51
N GLY H 115 -1.61 40.73 24.78
CA GLY H 115 -1.87 39.38 24.32
C GLY H 115 -1.20 38.31 25.19
N THR H 116 -1.74 37.09 25.13
CA THR H 116 -1.19 35.90 25.76
C THR H 116 -0.99 34.84 24.67
N GLN H 117 0.17 34.18 24.65
CA GLN H 117 0.44 33.19 23.62
C GLN H 117 -0.24 31.86 23.98
N VAL H 118 -0.83 31.19 22.97
CA VAL H 118 -1.35 29.83 23.11
C VAL H 118 -0.75 29.00 21.97
N THR H 119 0.08 28.00 22.32
CA THR H 119 0.60 27.06 21.33
C THR H 119 0.10 25.67 21.71
N VAL H 120 -0.71 25.07 20.81
CA VAL H 120 -1.26 23.75 20.99
C VAL H 120 -0.42 22.75 20.20
N SER H 121 -0.04 21.62 20.83
CA SER H 121 0.91 20.68 20.26
C SER H 121 0.56 19.22 20.58
N SER H 122 1.54 18.35 20.28
CA SER H 122 1.50 16.91 20.51
C SER H 122 2.70 16.47 21.38
N HIS H 123 2.53 15.36 22.10
CA HIS H 123 3.66 14.74 22.80
C HIS H 123 4.38 13.76 21.88
N HIS H 124 3.82 13.55 20.69
CA HIS H 124 4.49 12.84 19.60
C HIS H 124 4.99 13.87 18.58
C1 EDO I . -3.11 -11.16 19.90
O1 EDO I . -2.99 -10.35 21.06
C2 EDO I . -2.88 -12.60 20.16
O2 EDO I . -2.01 -13.18 19.21
C1 EDO J . -1.50 -17.54 16.53
O1 EDO J . -1.02 -18.15 17.72
C2 EDO J . -1.83 -18.51 15.46
O2 EDO J . -2.23 -17.85 14.28
C1 EDO K . -18.45 18.00 -18.39
O1 EDO K . -18.45 18.51 -17.08
C2 EDO K . -18.98 16.61 -18.45
O2 EDO K . -19.36 16.21 -19.76
C1 EDO L . -22.29 16.30 -23.88
O1 EDO L . -22.49 15.75 -25.17
C2 EDO L . -22.73 15.30 -22.85
O2 EDO L . -22.53 15.65 -21.49
C1 EDO M . -7.57 0.88 -13.12
O1 EDO M . -6.28 1.15 -12.56
C2 EDO M . -8.02 -0.53 -12.98
O2 EDO M . -9.15 -0.80 -13.79
C1 EDO N . -16.69 5.27 -26.43
O1 EDO N . -15.67 4.57 -27.14
C2 EDO N . -16.80 4.87 -25.00
O2 EDO N . -18.14 4.71 -24.54
#